data_4RIG
#
_entry.id   4RIG
#
_cell.length_a   52.943
_cell.length_b   59.109
_cell.length_c   63.111
_cell.angle_alpha   79.30
_cell.angle_beta   71.72
_cell.angle_gamma   87.69
#
_symmetry.space_group_name_H-M   'P 1'
#
loop_
_entity.id
_entity.type
_entity.pdbx_description
1 polymer 'Glycosyl transferase'
2 non-polymer 'MAGNESIUM ION'
3 water water
#
_entity_poly.entity_id   1
_entity_poly.type   'polypeptide(L)'
_entity_poly.pdbx_seq_one_letter_code
;MKILFVAAGSPATVFALAPLATAARNAGHDVFMGAVEDMVPYIASAGIPAVATTDLPIRHFITMDREGNPVRMPETPEEE
LDFAGHWFGRMAAGSMDALREVTANWRPDLVVGGSMSFAAALIAAELGVPYVRQAWDTGDAWRTDPAASDELRPELRALG
LDRLPDPALFVDICPPSLRPADAPPAQMMRWVPANGQRRLEPWMYTKGNRPRILVTSGSRLVFAKKTGFLRGLVADMAAL
DAEVVIATLDEVAEELRTELPGVRAGWVPLDVVVPTCDVVVHHAGGVTALTAMNAGVPQLIVPQGGNFVEAGLRISDFGA
AITVDENTPEAVEKACGELIGNPSYAERARELSAEIAALPLPAEVVGALEGLVENLYFQ
;
_entity_poly.pdbx_strand_id   A,B
#
# COMPACT_ATOMS: atom_id res chain seq x y z
N MET A 1 7.54 8.35 -14.36
CA MET A 1 8.02 9.66 -13.86
C MET A 1 8.15 9.62 -12.34
N LYS A 2 8.83 10.62 -11.77
CA LYS A 2 8.88 10.78 -10.31
C LYS A 2 7.76 11.71 -9.85
N ILE A 3 6.92 11.21 -8.94
CA ILE A 3 5.86 12.02 -8.36
C ILE A 3 6.00 12.16 -6.85
N LEU A 4 6.09 13.40 -6.39
CA LEU A 4 6.07 13.67 -4.96
C LEU A 4 4.68 14.07 -4.46
N PHE A 5 4.15 13.29 -3.52
CA PHE A 5 2.90 13.63 -2.86
C PHE A 5 3.22 14.32 -1.54
N VAL A 6 2.41 15.31 -1.19
CA VAL A 6 2.64 16.08 0.05
C VAL A 6 1.35 16.09 0.88
N ALA A 7 1.41 15.34 1.97
CA ALA A 7 0.33 15.30 2.93
C ALA A 7 0.64 16.35 3.97
N ALA A 8 0.00 16.27 5.14
CA ALA A 8 0.12 17.35 6.12
C ALA A 8 0.44 16.82 7.54
N GLY A 9 -0.44 17.07 8.51
CA GLY A 9 -0.13 16.82 9.92
C GLY A 9 -0.97 15.77 10.62
N SER A 10 -1.91 15.16 9.88
CA SER A 10 -2.89 14.24 10.48
C SER A 10 -3.10 13.02 9.59
N PRO A 11 -3.49 11.87 10.19
CA PRO A 11 -3.56 10.65 9.36
C PRO A 11 -4.50 10.75 8.15
N ALA A 12 -5.60 11.48 8.30
CA ALA A 12 -6.55 11.65 7.17
C ALA A 12 -5.93 12.32 5.95
N THR A 13 -4.94 13.19 6.15
CA THR A 13 -4.29 13.87 5.01
C THR A 13 -3.38 12.93 4.22
N VAL A 14 -2.85 11.94 4.91
CA VAL A 14 -2.09 10.87 4.27
C VAL A 14 -3.04 9.94 3.53
N PHE A 15 -4.09 9.49 4.19
CA PHE A 15 -4.97 8.52 3.53
C PHE A 15 -5.81 9.10 2.40
N ALA A 16 -6.10 10.40 2.46
CA ALA A 16 -6.77 11.09 1.35
C ALA A 16 -6.00 10.92 0.05
N LEU A 17 -4.67 10.97 0.15
CA LEU A 17 -3.78 10.90 -1.02
C LEU A 17 -3.34 9.48 -1.39
N ALA A 18 -3.57 8.52 -0.50
CA ALA A 18 -3.04 7.16 -0.71
C ALA A 18 -3.56 6.44 -1.97
N PRO A 19 -4.89 6.48 -2.25
CA PRO A 19 -5.38 5.80 -3.46
C PRO A 19 -4.72 6.32 -4.75
N LEU A 20 -4.60 7.63 -4.91
CA LEU A 20 -3.93 8.15 -6.11
C LEU A 20 -2.43 7.83 -6.16
N ALA A 21 -1.78 7.94 -5.01
CA ALA A 21 -0.36 7.59 -4.91
C ALA A 21 -0.09 6.14 -5.26
N THR A 22 -0.91 5.24 -4.72
CA THR A 22 -0.75 3.81 -5.00
C THR A 22 -1.11 3.48 -6.46
N ALA A 23 -2.14 4.13 -6.99
CA ALA A 23 -2.50 3.96 -8.40
C ALA A 23 -1.34 4.39 -9.30
N ALA A 24 -0.68 5.49 -8.96
CA ALA A 24 0.45 6.00 -9.74
C ALA A 24 1.63 5.04 -9.66
N ARG A 25 1.90 4.52 -8.46
CA ARG A 25 2.92 3.50 -8.27
C ARG A 25 2.60 2.25 -9.10
N ASN A 26 1.35 1.82 -9.07
CA ASN A 26 0.90 0.65 -9.86
C ASN A 26 0.99 0.81 -11.38
N ALA A 27 1.04 2.07 -11.83
CA ALA A 27 1.18 2.41 -13.25
C ALA A 27 2.67 2.54 -13.65
N GLY A 28 3.56 2.37 -12.67
CA GLY A 28 4.98 2.30 -12.95
C GLY A 28 5.74 3.56 -12.60
N HIS A 29 5.08 4.52 -11.95
CA HIS A 29 5.73 5.76 -11.55
C HIS A 29 6.47 5.56 -10.23
N ASP A 30 7.50 6.36 -10.00
CA ASP A 30 8.24 6.30 -8.73
C ASP A 30 7.65 7.37 -7.82
N VAL A 31 7.10 6.93 -6.71
CA VAL A 31 6.25 7.75 -5.87
C VAL A 31 6.79 7.82 -4.43
N PHE A 32 7.01 9.06 -3.94
CA PHE A 32 7.35 9.35 -2.54
C PHE A 32 6.20 10.19 -2.00
N MET A 33 5.93 10.06 -0.70
CA MET A 33 4.98 10.97 -0.06
C MET A 33 5.67 11.57 1.16
N GLY A 34 5.51 12.87 1.33
CA GLY A 34 6.05 13.56 2.49
C GLY A 34 4.96 14.06 3.41
N ALA A 35 5.25 14.06 4.72
CA ALA A 35 4.41 14.68 5.73
C ALA A 35 5.28 15.00 6.94
N VAL A 36 4.69 15.66 7.93
CA VAL A 36 5.45 15.94 9.16
C VAL A 36 5.92 14.61 9.77
N GLU A 37 7.01 14.66 10.55
CA GLU A 37 7.62 13.46 11.13
C GLU A 37 6.64 12.48 11.79
N ASP A 38 5.72 13.02 12.61
CA ASP A 38 4.69 12.21 13.27
C ASP A 38 3.81 11.42 12.30
N MET A 39 3.69 11.88 11.06
CA MET A 39 2.82 11.24 10.09
C MET A 39 3.58 10.24 9.20
N VAL A 40 4.90 10.24 9.32
CA VAL A 40 5.70 9.33 8.48
C VAL A 40 5.31 7.85 8.69
N PRO A 41 5.07 7.40 9.94
CA PRO A 41 4.56 6.03 10.09
C PRO A 41 3.22 5.76 9.40
N TYR A 42 2.34 6.76 9.35
CA TYR A 42 1.09 6.64 8.62
C TYR A 42 1.26 6.50 7.11
N ILE A 43 2.15 7.30 6.53
CA ILE A 43 2.52 7.08 5.12
C ILE A 43 3.04 5.65 4.91
N ALA A 44 3.99 5.24 5.75
CA ALA A 44 4.55 3.89 5.66
C ALA A 44 3.50 2.81 5.77
N SER A 45 2.49 3.03 6.64
CA SER A 45 1.38 2.09 6.84
C SER A 45 0.47 1.94 5.62
N ALA A 46 0.51 2.91 4.72
CA ALA A 46 -0.22 2.83 3.45
C ALA A 46 0.61 2.10 2.37
N GLY A 47 1.83 1.66 2.73
CA GLY A 47 2.77 0.97 1.83
C GLY A 47 3.52 1.89 0.85
N ILE A 48 3.62 3.16 1.19
CA ILE A 48 4.16 4.18 0.27
C ILE A 48 5.49 4.67 0.87
N PRO A 49 6.54 4.85 0.02
CA PRO A 49 7.80 5.34 0.57
C PRO A 49 7.63 6.72 1.19
N ALA A 50 8.22 6.92 2.36
CA ALA A 50 7.86 8.03 3.24
C ALA A 50 9.05 8.90 3.55
N VAL A 51 8.88 10.22 3.36
CA VAL A 51 9.86 11.21 3.80
C VAL A 51 9.24 12.26 4.75
N ALA A 52 10.05 12.74 5.69
CA ALA A 52 9.65 13.76 6.63
C ALA A 52 9.84 15.16 6.05
N THR A 53 8.87 16.04 6.27
CA THR A 53 8.97 17.42 5.78
C THR A 53 9.35 18.43 6.86
N THR A 54 9.19 18.03 8.12
CA THR A 54 9.60 18.80 9.29
C THR A 54 9.63 17.83 10.47
N ASP A 55 10.51 18.09 11.44
CA ASP A 55 10.50 17.25 12.63
C ASP A 55 9.54 17.79 13.70
N LEU A 56 8.73 18.80 13.37
CA LEU A 56 7.74 19.33 14.32
C LEU A 56 6.33 18.82 14.02
N PRO A 57 5.52 18.59 15.05
CA PRO A 57 4.15 18.11 14.88
C PRO A 57 3.17 19.25 14.58
N ILE A 58 1.96 18.90 14.13
CA ILE A 58 0.98 19.92 13.78
C ILE A 58 0.66 20.86 14.95
N ARG A 59 0.67 20.34 16.17
CA ARG A 59 0.42 21.17 17.35
C ARG A 59 1.35 22.38 17.44
N HIS A 60 2.59 22.20 16.99
CA HIS A 60 3.57 23.30 17.03
C HIS A 60 3.09 24.46 16.14
N PHE A 61 2.62 24.12 14.95
CA PHE A 61 2.18 25.15 13.99
C PHE A 61 0.84 25.76 14.37
N ILE A 62 -0.01 24.96 14.99
CA ILE A 62 -1.33 25.39 15.48
C ILE A 62 -1.24 26.40 16.62
N THR A 63 -0.38 26.12 17.61
CA THR A 63 -0.44 26.81 18.88
C THR A 63 0.52 28.01 19.02
N MET A 64 1.45 28.17 18.09
CA MET A 64 2.41 29.27 18.18
C MET A 64 2.63 29.90 16.81
N ASP A 65 2.90 31.21 16.79
CA ASP A 65 3.28 31.91 15.57
C ASP A 65 4.74 31.59 15.16
N ARG A 66 5.22 32.19 14.06
CA ARG A 66 6.58 31.94 13.57
C ARG A 66 7.66 32.31 14.58
N GLU A 67 7.38 33.28 15.44
CA GLU A 67 8.33 33.72 16.47
C GLU A 67 8.25 32.87 17.74
N GLY A 68 7.30 31.93 17.79
CA GLY A 68 7.17 31.05 18.97
C GLY A 68 6.19 31.58 20.01
N ASN A 69 5.55 32.71 19.72
CA ASN A 69 4.57 33.27 20.67
C ASN A 69 3.26 32.51 20.57
N PRO A 70 2.58 32.28 21.71
CA PRO A 70 1.34 31.50 21.64
C PRO A 70 0.21 32.23 20.92
N VAL A 71 -0.59 31.44 20.23
CA VAL A 71 -1.73 31.93 19.48
C VAL A 71 -2.95 31.17 20.03
N ARG A 72 -4.07 31.85 20.25
CA ARG A 72 -5.26 31.16 20.76
C ARG A 72 -5.96 30.31 19.71
N MET A 73 -6.77 29.35 20.16
CA MET A 73 -7.60 28.57 19.27
C MET A 73 -8.76 29.45 18.79
N PRO A 74 -9.26 29.19 17.58
CA PRO A 74 -10.42 29.92 17.06
C PRO A 74 -11.71 29.57 17.79
N GLU A 75 -12.66 30.51 17.80
CA GLU A 75 -13.91 30.30 18.52
C GLU A 75 -15.16 30.29 17.63
N THR A 76 -15.07 30.88 16.44
CA THR A 76 -16.20 30.92 15.50
C THR A 76 -15.85 30.17 14.22
N PRO A 77 -16.87 29.82 13.39
CA PRO A 77 -16.56 29.22 12.09
C PRO A 77 -15.68 30.13 11.22
N GLU A 78 -15.94 31.44 11.24
CA GLU A 78 -15.15 32.42 10.48
C GLU A 78 -13.69 32.47 10.98
N GLU A 79 -13.51 32.54 12.30
CA GLU A 79 -12.18 32.42 12.90
C GLU A 79 -11.49 31.09 12.55
N GLU A 80 -12.26 29.99 12.54
CA GLU A 80 -11.73 28.68 12.15
C GLU A 80 -10.99 28.67 10.80
N LEU A 81 -11.65 29.23 9.79
CA LEU A 81 -11.10 29.35 8.45
C LEU A 81 -9.81 30.16 8.43
N ASP A 82 -9.82 31.28 9.15
CA ASP A 82 -8.68 32.19 9.16
C ASP A 82 -7.51 31.59 9.93
N PHE A 83 -7.81 31.03 11.10
CA PHE A 83 -6.77 30.44 11.94
C PHE A 83 -6.13 29.24 11.25
N ALA A 84 -6.93 28.42 10.57
CA ALA A 84 -6.41 27.26 9.82
C ALA A 84 -5.50 27.68 8.66
N GLY A 85 -5.90 28.74 7.95
CA GLY A 85 -5.06 29.25 6.85
C GLY A 85 -3.68 29.60 7.39
N HIS A 86 -3.65 30.24 8.54
CA HIS A 86 -2.39 30.58 9.18
C HIS A 86 -1.58 29.39 9.65
N TRP A 87 -2.21 28.43 10.33
CA TRP A 87 -1.42 27.29 10.80
C TRP A 87 -0.90 26.40 9.68
N PHE A 88 -1.73 26.18 8.65
CA PHE A 88 -1.29 25.43 7.48
C PHE A 88 -0.21 26.22 6.73
N GLY A 89 -0.32 27.56 6.74
CA GLY A 89 0.71 28.40 6.14
C GLY A 89 2.03 28.28 6.88
N ARG A 90 1.97 28.28 8.21
CA ARG A 90 3.17 28.13 9.03
C ARG A 90 3.83 26.77 8.83
N MET A 91 3.01 25.72 8.82
CA MET A 91 3.51 24.37 8.57
C MET A 91 4.18 24.26 7.20
N ALA A 92 3.57 24.90 6.19
CA ALA A 92 4.15 24.92 4.85
C ALA A 92 5.53 25.62 4.82
N ALA A 93 5.61 26.81 5.42
CA ALA A 93 6.89 27.51 5.49
C ALA A 93 7.95 26.68 6.22
N GLY A 94 7.51 26.00 7.28
CA GLY A 94 8.37 25.12 8.06
C GLY A 94 8.77 23.84 7.36
N SER A 95 8.15 23.56 6.20
CA SER A 95 8.42 22.32 5.46
C SER A 95 9.43 22.50 4.32
N MET A 96 9.77 23.75 4.02
CA MET A 96 10.50 24.06 2.78
C MET A 96 11.95 23.56 2.80
N ASP A 97 12.65 23.74 3.91
CA ASP A 97 14.03 23.24 4.05
C ASP A 97 14.13 21.76 3.70
N ALA A 98 13.28 20.94 4.30
CA ALA A 98 13.34 19.51 4.07
C ALA A 98 12.91 19.14 2.64
N LEU A 99 11.90 19.84 2.12
CA LEU A 99 11.47 19.61 0.74
C LEU A 99 12.55 20.00 -0.28
N ARG A 100 13.32 21.05 0.00
CA ARG A 100 14.43 21.42 -0.88
C ARG A 100 15.51 20.36 -0.91
N GLU A 101 15.86 19.85 0.28
CA GLU A 101 16.92 18.86 0.40
C GLU A 101 16.51 17.52 -0.26
N VAL A 102 15.26 17.12 -0.06
CA VAL A 102 14.76 15.90 -0.69
C VAL A 102 14.77 16.04 -2.22
N THR A 103 14.20 17.14 -2.71
CA THR A 103 14.04 17.33 -4.16
C THR A 103 15.37 17.65 -4.90
N ALA A 104 16.43 18.01 -4.16
CA ALA A 104 17.77 18.14 -4.74
C ALA A 104 18.36 16.76 -5.08
N ASN A 105 17.92 15.73 -4.37
CA ASN A 105 18.48 14.39 -4.56
C ASN A 105 17.55 13.45 -5.33
N TRP A 106 16.26 13.75 -5.28
CA TRP A 106 15.25 12.99 -5.98
C TRP A 106 14.28 14.03 -6.51
N ARG A 107 14.47 14.41 -7.76
CA ARG A 107 13.74 15.54 -8.34
C ARG A 107 12.41 15.09 -8.97
N PRO A 108 11.27 15.51 -8.38
CA PRO A 108 10.00 15.08 -8.97
C PRO A 108 9.72 15.75 -10.30
N ASP A 109 9.04 15.04 -11.19
CA ASP A 109 8.51 15.61 -12.42
C ASP A 109 7.15 16.28 -12.15
N LEU A 110 6.52 15.90 -11.05
CA LEU A 110 5.18 16.37 -10.72
C LEU A 110 5.00 16.36 -9.21
N VAL A 111 4.23 17.30 -8.68
CA VAL A 111 3.99 17.41 -7.24
C VAL A 111 2.48 17.40 -7.04
N VAL A 112 2.02 16.56 -6.12
CA VAL A 112 0.60 16.47 -5.77
C VAL A 112 0.45 16.80 -4.29
N GLY A 113 -0.40 17.78 -3.97
CA GLY A 113 -0.62 18.18 -2.59
C GLY A 113 -2.08 18.02 -2.25
N GLY A 114 -2.36 17.76 -0.98
CA GLY A 114 -3.74 17.83 -0.47
C GLY A 114 -4.25 19.26 -0.37
N SER A 115 -5.50 19.41 0.08
CA SER A 115 -6.17 20.71 0.09
C SER A 115 -5.31 21.83 0.63
N MET A 116 -4.80 21.66 1.85
CA MET A 116 -4.02 22.74 2.47
C MET A 116 -2.55 22.38 2.64
N SER A 117 -2.03 21.50 1.78
CA SER A 117 -0.60 21.21 1.75
C SER A 117 0.09 22.29 0.92
N PHE A 118 0.14 23.51 1.43
CA PHE A 118 0.60 24.65 0.61
C PHE A 118 2.06 24.55 0.22
N ALA A 119 2.88 23.84 1.00
CA ALA A 119 4.29 23.61 0.63
C ALA A 119 4.43 22.91 -0.72
N ALA A 120 3.43 22.11 -1.10
CA ALA A 120 3.43 21.46 -2.40
C ALA A 120 3.40 22.49 -3.52
N ALA A 121 2.54 23.51 -3.39
CA ALA A 121 2.46 24.59 -4.39
C ALA A 121 3.78 25.33 -4.47
N LEU A 122 4.36 25.59 -3.30
CA LEU A 122 5.61 26.35 -3.21
C LEU A 122 6.78 25.60 -3.83
N ILE A 123 6.96 24.32 -3.48
CA ILE A 123 8.08 23.53 -4.00
C ILE A 123 7.92 23.26 -5.50
N ALA A 124 6.68 23.06 -5.94
CA ALA A 124 6.42 22.89 -7.37
C ALA A 124 6.80 24.16 -8.16
N ALA A 125 6.45 25.31 -7.61
CA ALA A 125 6.77 26.59 -8.24
C ALA A 125 8.28 26.79 -8.27
N GLU A 126 8.94 26.40 -7.18
CA GLU A 126 10.40 26.55 -7.06
C GLU A 126 11.14 25.66 -8.08
N LEU A 127 10.66 24.43 -8.23
CA LEU A 127 11.24 23.47 -9.18
C LEU A 127 10.85 23.72 -10.63
N GLY A 128 9.73 24.42 -10.84
CA GLY A 128 9.18 24.61 -12.18
C GLY A 128 8.57 23.33 -12.75
N VAL A 129 7.86 22.59 -11.91
CA VAL A 129 7.14 21.39 -12.34
C VAL A 129 5.66 21.60 -12.02
N PRO A 130 4.76 20.90 -12.72
CA PRO A 130 3.33 21.13 -12.46
C PRO A 130 2.90 20.73 -11.03
N TYR A 131 1.95 21.50 -10.50
CA TYR A 131 1.36 21.27 -9.20
C TYR A 131 -0.10 20.80 -9.29
N VAL A 132 -0.40 19.68 -8.65
CA VAL A 132 -1.76 19.17 -8.62
C VAL A 132 -2.28 19.27 -7.19
N ARG A 133 -3.47 19.87 -7.05
CA ARG A 133 -4.13 20.00 -5.77
C ARG A 133 -5.26 18.98 -5.69
N GLN A 134 -5.16 18.03 -4.76
CA GLN A 134 -6.27 17.08 -4.54
C GLN A 134 -7.04 17.42 -3.27
N ALA A 135 -8.35 17.57 -3.39
CA ALA A 135 -9.20 17.79 -2.20
C ALA A 135 -9.00 16.58 -1.29
N TRP A 136 -8.78 16.82 0.00
CA TRP A 136 -8.57 15.72 0.94
C TRP A 136 -9.79 15.39 1.81
N ASP A 137 -10.89 16.10 1.56
CA ASP A 137 -12.20 15.77 2.11
C ASP A 137 -13.29 16.44 1.24
N THR A 138 -14.53 16.42 1.68
CA THR A 138 -15.61 17.00 0.88
C THR A 138 -15.78 18.48 1.16
N GLY A 139 -14.99 19.01 2.09
CA GLY A 139 -15.00 20.46 2.33
C GLY A 139 -14.32 21.18 1.18
N ASP A 140 -14.57 22.48 1.06
CA ASP A 140 -14.01 23.27 -0.03
C ASP A 140 -12.51 23.38 0.16
N ALA A 141 -11.75 22.84 -0.79
CA ALA A 141 -10.26 22.81 -0.71
C ALA A 141 -9.64 24.20 -0.53
N TRP A 142 -10.24 25.21 -1.14
CA TRP A 142 -9.75 26.59 -1.23
C TRP A 142 -10.18 27.50 -0.06
N ARG A 143 -10.93 26.94 0.89
CA ARG A 143 -11.62 27.77 1.89
C ARG A 143 -10.70 28.52 2.87
N THR A 144 -9.44 28.12 3.00
CA THR A 144 -8.51 28.81 3.89
C THR A 144 -7.49 29.64 3.10
N ASP A 145 -7.65 29.64 1.78
CA ASP A 145 -6.66 30.28 0.90
C ASP A 145 -6.35 31.75 1.21
N PRO A 146 -7.38 32.59 1.50
CA PRO A 146 -7.01 34.00 1.72
C PRO A 146 -6.04 34.20 2.89
N ALA A 147 -6.31 33.52 4.00
CA ALA A 147 -5.45 33.60 5.19
C ALA A 147 -4.08 32.96 4.96
N ALA A 148 -4.05 31.81 4.28
CA ALA A 148 -2.81 31.14 3.92
C ALA A 148 -1.95 32.01 3.01
N SER A 149 -2.59 32.68 2.05
CA SER A 149 -1.92 33.67 1.20
C SER A 149 -1.24 34.78 2.01
N ASP A 150 -1.93 35.28 3.03
CA ASP A 150 -1.37 36.33 3.87
C ASP A 150 -0.22 35.79 4.72
N GLU A 151 -0.39 34.61 5.29
CA GLU A 151 0.66 33.96 6.07
C GLU A 151 1.91 33.74 5.22
N LEU A 152 1.72 33.28 3.99
CA LEU A 152 2.84 32.95 3.09
C LEU A 152 3.32 34.11 2.22
N ARG A 153 2.89 35.34 2.53
CA ARG A 153 3.31 36.51 1.75
C ARG A 153 4.82 36.52 1.45
N PRO A 154 5.69 36.33 2.47
CA PRO A 154 7.13 36.38 2.19
C PRO A 154 7.61 35.28 1.21
N GLU A 155 7.13 34.06 1.40
CA GLU A 155 7.51 32.94 0.55
C GLU A 155 7.00 33.14 -0.88
N LEU A 156 5.78 33.66 -1.00
CA LEU A 156 5.17 33.95 -2.30
C LEU A 156 5.91 35.09 -3.03
N ARG A 157 6.33 36.10 -2.28
CA ARG A 157 7.07 37.21 -2.87
C ARG A 157 8.43 36.78 -3.44
N ALA A 158 9.09 35.85 -2.74
CA ALA A 158 10.37 35.28 -3.19
C ALA A 158 10.22 34.52 -4.51
N LEU A 159 9.02 33.99 -4.75
CA LEU A 159 8.70 33.31 -6.02
C LEU A 159 8.07 34.25 -7.05
N GLY A 160 7.92 35.52 -6.69
CA GLY A 160 7.39 36.55 -7.60
C GLY A 160 5.88 36.54 -7.72
N LEU A 161 5.21 35.95 -6.73
CA LEU A 161 3.75 35.80 -6.73
C LEU A 161 3.06 36.70 -5.72
N ASP A 162 1.84 37.11 -6.05
CA ASP A 162 1.02 37.98 -5.19
C ASP A 162 0.08 37.18 -4.29
N ARG A 163 -0.28 35.97 -4.71
CA ARG A 163 -1.14 35.09 -3.93
C ARG A 163 -0.76 33.66 -4.25
N LEU A 164 -1.37 32.70 -3.57
CA LEU A 164 -1.11 31.29 -3.88
C LEU A 164 -1.40 31.01 -5.34
N PRO A 165 -0.51 30.27 -6.02
CA PRO A 165 -0.72 30.01 -7.44
C PRO A 165 -1.85 29.01 -7.66
N ASP A 166 -2.53 29.14 -8.78
CA ASP A 166 -3.54 28.16 -9.16
C ASP A 166 -2.85 26.83 -9.51
N PRO A 167 -3.46 25.72 -9.10
CA PRO A 167 -2.90 24.43 -9.51
C PRO A 167 -2.98 24.21 -11.03
N ALA A 168 -2.10 23.36 -11.55
CA ALA A 168 -2.17 22.93 -12.94
C ALA A 168 -3.39 22.02 -13.15
N LEU A 169 -3.76 21.31 -12.08
CA LEU A 169 -4.94 20.45 -12.07
C LEU A 169 -5.51 20.43 -10.66
N PHE A 170 -6.84 20.57 -10.58
CA PHE A 170 -7.57 20.38 -9.33
C PHE A 170 -8.33 19.07 -9.44
N VAL A 171 -8.05 18.18 -8.49
CA VAL A 171 -8.66 16.87 -8.40
C VAL A 171 -9.61 16.86 -7.20
N ASP A 172 -10.88 16.59 -7.47
CA ASP A 172 -11.89 16.70 -6.44
C ASP A 172 -12.53 15.34 -6.14
N ILE A 173 -12.68 15.05 -4.86
CA ILE A 173 -13.33 13.81 -4.43
C ILE A 173 -14.73 14.01 -3.84
N CYS A 174 -15.22 15.24 -3.84
CA CYS A 174 -16.55 15.53 -3.33
C CYS A 174 -17.63 15.06 -4.32
N PRO A 175 -18.62 14.27 -3.85
CA PRO A 175 -19.75 13.88 -4.70
C PRO A 175 -20.49 15.12 -5.26
N PRO A 176 -20.95 15.07 -6.53
CA PRO A 176 -21.58 16.26 -7.17
C PRO A 176 -22.65 16.95 -6.33
N SER A 177 -23.55 16.18 -5.73
CA SER A 177 -24.60 16.74 -4.87
C SER A 177 -24.11 17.58 -3.70
N LEU A 178 -22.87 17.34 -3.26
CA LEU A 178 -22.33 18.09 -2.11
C LEU A 178 -21.37 19.23 -2.50
N ARG A 179 -21.05 19.34 -3.79
CA ARG A 179 -20.19 20.42 -4.26
C ARG A 179 -20.94 21.75 -4.23
N PRO A 180 -20.26 22.82 -3.78
CA PRO A 180 -20.94 24.12 -3.68
C PRO A 180 -21.25 24.72 -5.06
N ALA A 181 -22.21 25.63 -5.10
CA ALA A 181 -22.57 26.37 -6.31
C ALA A 181 -21.39 27.09 -6.97
N ASP A 182 -20.43 27.54 -6.16
CA ASP A 182 -19.25 28.24 -6.69
C ASP A 182 -18.01 27.35 -6.87
N ALA A 183 -18.18 26.03 -6.84
CA ALA A 183 -17.06 25.11 -7.00
C ALA A 183 -16.40 25.29 -8.38
N PRO A 184 -15.06 25.20 -8.44
CA PRO A 184 -14.37 25.37 -9.71
C PRO A 184 -14.42 24.07 -10.52
N PRO A 185 -14.07 24.13 -11.82
CA PRO A 185 -13.92 22.90 -12.60
C PRO A 185 -12.93 21.97 -11.91
N ALA A 186 -13.13 20.66 -12.03
CA ALA A 186 -12.26 19.70 -11.40
C ALA A 186 -12.20 18.44 -12.22
N GLN A 187 -11.05 17.77 -12.16
CA GLN A 187 -10.98 16.36 -12.52
C GLN A 187 -11.54 15.61 -11.32
N MET A 188 -12.67 14.94 -11.50
CA MET A 188 -13.27 14.21 -10.40
C MET A 188 -12.52 12.89 -10.19
N MET A 189 -12.61 12.37 -8.98
CA MET A 189 -12.00 11.09 -8.66
C MET A 189 -12.81 10.38 -7.59
N ARG A 190 -12.95 9.08 -7.77
CA ARG A 190 -13.53 8.22 -6.76
C ARG A 190 -12.49 7.96 -5.68
N TRP A 191 -12.74 8.43 -4.46
CA TRP A 191 -11.85 8.08 -3.37
C TRP A 191 -12.29 6.70 -2.84
N VAL A 192 -11.31 5.81 -2.73
CA VAL A 192 -11.51 4.46 -2.25
C VAL A 192 -10.94 4.42 -0.84
N PRO A 193 -11.74 3.97 0.14
CA PRO A 193 -11.28 4.12 1.51
C PRO A 193 -10.01 3.34 1.78
N ALA A 194 -9.09 4.00 2.48
CA ALA A 194 -7.82 3.39 2.84
C ALA A 194 -7.41 3.90 4.22
N ASN A 195 -6.81 3.01 5.01
CA ASN A 195 -6.22 3.32 6.30
C ASN A 195 -5.21 2.25 6.67
N GLY A 196 -4.45 2.46 7.74
CA GLY A 196 -3.43 1.49 8.15
C GLY A 196 -4.07 0.18 8.55
N GLN A 197 -3.30 -0.91 8.50
CA GLN A 197 -3.85 -2.23 8.77
C GLN A 197 -3.04 -2.98 9.82
N ARG A 198 -3.67 -3.96 10.45
CA ARG A 198 -2.99 -4.79 11.43
C ARG A 198 -3.21 -6.28 11.19
N ARG A 199 -4.25 -6.81 11.82
CA ARG A 199 -4.70 -8.18 11.70
C ARG A 199 -6.20 -8.09 11.97
N LEU A 200 -7.01 -8.58 11.03
CA LEU A 200 -8.45 -8.53 11.20
C LEU A 200 -8.93 -9.57 12.20
N GLU A 201 -9.89 -9.21 13.04
CA GLU A 201 -10.62 -10.16 13.87
C GLU A 201 -11.99 -10.39 13.24
N PRO A 202 -12.57 -11.60 13.38
CA PRO A 202 -13.85 -11.93 12.73
C PRO A 202 -15.00 -10.92 12.91
N TRP A 203 -15.11 -10.31 14.08
CA TRP A 203 -16.16 -9.32 14.32
C TRP A 203 -16.06 -8.09 13.40
N MET A 204 -14.84 -7.76 12.96
CA MET A 204 -14.64 -6.57 12.13
C MET A 204 -15.41 -6.61 10.81
N TYR A 205 -15.60 -7.81 10.28
CA TYR A 205 -16.25 -7.99 8.99
C TYR A 205 -17.53 -8.83 9.06
N THR A 206 -17.88 -9.30 10.26
CA THR A 206 -19.13 -10.02 10.46
C THR A 206 -20.06 -9.21 11.37
N LYS A 207 -21.16 -8.73 10.82
CA LYS A 207 -22.19 -8.06 11.63
C LYS A 207 -23.10 -9.08 12.34
N GLY A 208 -23.35 -8.84 13.62
CA GLY A 208 -24.28 -9.65 14.40
C GLY A 208 -25.73 -9.30 14.13
N ASN A 209 -26.63 -9.73 15.01
CA ASN A 209 -28.07 -9.46 14.90
C ASN A 209 -28.46 -7.99 15.09
N ARG A 210 -27.86 -7.35 16.10
CA ARG A 210 -28.24 -5.97 16.47
C ARG A 210 -27.56 -4.91 15.60
N PRO A 211 -28.19 -3.72 15.48
CA PRO A 211 -27.61 -2.59 14.74
C PRO A 211 -26.21 -2.30 15.26
N ARG A 212 -25.29 -1.96 14.36
CA ARG A 212 -23.92 -1.64 14.77
C ARG A 212 -23.62 -0.14 14.64
N ILE A 213 -23.19 0.45 15.75
CA ILE A 213 -22.82 1.87 15.81
C ILE A 213 -21.33 2.05 16.08
N LEU A 214 -20.63 2.70 15.16
CA LEU A 214 -19.21 3.00 15.33
C LEU A 214 -18.99 4.45 15.77
N VAL A 215 -18.24 4.60 16.85
CA VAL A 215 -17.85 5.92 17.35
C VAL A 215 -16.36 6.11 17.12
N THR A 216 -15.99 7.17 16.41
CA THR A 216 -14.58 7.51 16.21
C THR A 216 -14.32 8.81 16.97
N SER A 217 -13.05 9.17 17.16
CA SER A 217 -12.70 10.29 18.04
C SER A 217 -11.84 11.37 17.38
N ALA A 235 -21.70 5.48 26.73
CA ALA A 235 -22.37 5.90 27.97
C ALA A 235 -23.81 6.32 27.69
N ASP A 236 -23.92 7.32 26.80
CA ASP A 236 -25.06 7.66 25.90
C ASP A 236 -26.00 6.59 25.54
N MET A 237 -25.36 5.69 24.84
CA MET A 237 -25.95 4.71 23.93
C MET A 237 -26.38 3.44 24.66
N ALA A 238 -26.30 3.50 25.99
CA ALA A 238 -26.52 2.36 26.87
C ALA A 238 -27.93 1.77 26.83
N ALA A 239 -28.88 2.50 26.23
CA ALA A 239 -30.28 2.06 26.19
C ALA A 239 -30.74 1.62 24.80
N LEU A 240 -29.87 1.77 23.81
CA LEU A 240 -30.23 1.50 22.41
C LEU A 240 -30.38 0.01 22.07
N ASP A 241 -29.70 -0.86 22.82
CA ASP A 241 -29.62 -2.30 22.53
C ASP A 241 -28.95 -2.52 21.16
N ALA A 242 -27.85 -1.78 20.96
CA ALA A 242 -27.09 -1.84 19.73
C ALA A 242 -25.67 -2.29 20.06
N GLU A 243 -24.96 -2.78 19.04
CA GLU A 243 -23.56 -3.11 19.21
C GLU A 243 -22.73 -1.87 18.95
N VAL A 244 -22.13 -1.34 20.02
CA VAL A 244 -21.29 -0.14 19.93
C VAL A 244 -19.83 -0.56 19.81
N VAL A 245 -19.14 0.01 18.82
CA VAL A 245 -17.72 -0.21 18.62
C VAL A 245 -17.03 1.15 18.74
N ILE A 246 -16.04 1.23 19.62
CA ILE A 246 -15.29 2.48 19.83
C ILE A 246 -13.88 2.37 19.25
N ALA A 247 -13.61 3.21 18.25
CA ALA A 247 -12.33 3.19 17.53
C ALA A 247 -11.32 4.13 18.17
N THR A 248 -10.46 3.59 19.02
CA THR A 248 -9.49 4.39 19.77
C THR A 248 -8.01 4.00 19.52
N LEU A 249 -7.11 4.69 20.21
CA LEU A 249 -5.66 4.53 20.04
C LEU A 249 -5.13 3.26 20.72
N VAL A 263 -19.68 -4.17 23.86
CA VAL A 263 -19.07 -2.85 23.69
C VAL A 263 -17.55 -2.96 23.55
N ARG A 264 -17.08 -3.17 22.32
CA ARG A 264 -15.65 -3.36 22.07
C ARG A 264 -14.93 -2.07 21.72
N ALA A 265 -13.75 -1.89 22.30
CA ALA A 265 -12.93 -0.71 22.02
C ALA A 265 -11.59 -1.15 21.39
N GLY A 266 -10.83 -0.19 20.89
CA GLY A 266 -9.47 -0.45 20.41
C GLY A 266 -9.25 -0.11 18.96
N TRP A 267 -8.26 -0.78 18.33
CA TRP A 267 -7.97 -0.51 16.93
C TRP A 267 -9.09 -0.97 16.02
N VAL A 268 -9.51 -0.09 15.13
CA VAL A 268 -10.60 -0.38 14.20
C VAL A 268 -10.20 0.07 12.80
N PRO A 269 -10.13 -0.87 11.84
CA PRO A 269 -9.88 -0.41 10.48
C PRO A 269 -11.18 0.09 9.85
N LEU A 270 -11.27 1.40 9.59
CA LEU A 270 -12.53 2.03 9.15
C LEU A 270 -13.01 1.44 7.84
N ASP A 271 -12.08 1.32 6.89
CA ASP A 271 -12.39 0.76 5.57
C ASP A 271 -13.08 -0.59 5.65
N VAL A 272 -12.67 -1.45 6.57
CA VAL A 272 -13.25 -2.78 6.70
C VAL A 272 -14.54 -2.74 7.52
N VAL A 273 -14.51 -1.99 8.61
CA VAL A 273 -15.62 -2.01 9.58
C VAL A 273 -16.82 -1.13 9.21
N VAL A 274 -16.57 0.06 8.66
CA VAL A 274 -17.64 0.99 8.28
C VAL A 274 -18.77 0.32 7.45
N PRO A 275 -18.40 -0.50 6.42
CA PRO A 275 -19.46 -1.17 5.66
C PRO A 275 -20.39 -2.08 6.47
N THR A 276 -19.96 -2.50 7.67
CA THR A 276 -20.80 -3.34 8.53
C THR A 276 -21.73 -2.54 9.46
N CYS A 277 -21.57 -1.22 9.47
CA CYS A 277 -22.22 -0.34 10.43
C CYS A 277 -23.53 0.24 9.92
N ASP A 278 -24.39 0.62 10.86
CA ASP A 278 -25.64 1.29 10.54
C ASP A 278 -25.60 2.77 10.85
N VAL A 279 -24.70 3.15 11.77
CA VAL A 279 -24.46 4.55 12.10
C VAL A 279 -22.95 4.74 12.29
N VAL A 280 -22.40 5.81 11.73
CA VAL A 280 -21.05 6.23 12.11
C VAL A 280 -21.14 7.59 12.81
N VAL A 281 -20.58 7.66 14.03
CA VAL A 281 -20.56 8.88 14.84
C VAL A 281 -19.14 9.46 14.82
N HIS A 282 -19.00 10.65 14.24
CA HIS A 282 -17.71 11.33 14.10
C HIS A 282 -17.90 12.86 14.12
N HIS A 283 -16.83 13.60 13.83
CA HIS A 283 -16.86 15.08 13.87
C HIS A 283 -16.59 15.75 12.52
N ALA A 284 -16.70 14.98 11.43
CA ALA A 284 -16.45 15.42 10.05
C ALA A 284 -15.06 16.01 9.82
N GLY A 285 -14.13 15.70 10.71
CA GLY A 285 -12.72 15.91 10.42
C GLY A 285 -12.32 14.73 9.55
N GLY A 286 -11.36 14.93 8.67
CA GLY A 286 -10.78 13.82 7.92
C GLY A 286 -11.60 13.17 6.82
N VAL A 287 -11.40 11.87 6.65
CA VAL A 287 -12.01 11.12 5.57
C VAL A 287 -13.10 10.16 6.05
N THR A 288 -13.48 10.26 7.33
CA THR A 288 -14.51 9.35 7.88
C THR A 288 -15.88 9.53 7.19
N ALA A 289 -16.26 10.79 6.93
CA ALA A 289 -17.53 11.07 6.25
C ALA A 289 -17.56 10.40 4.88
N LEU A 290 -16.45 10.51 4.13
CA LEU A 290 -16.32 9.86 2.85
C LEU A 290 -16.41 8.35 2.94
N THR A 291 -15.75 7.76 3.94
CA THR A 291 -15.81 6.30 4.11
C THR A 291 -17.25 5.88 4.40
N ALA A 292 -17.95 6.68 5.23
CA ALA A 292 -19.35 6.37 5.56
C ALA A 292 -20.24 6.50 4.31
N MET A 293 -20.09 7.62 3.60
CA MET A 293 -20.92 7.87 2.40
C MET A 293 -20.67 6.81 1.34
N ASN A 294 -19.40 6.46 1.14
CA ASN A 294 -19.04 5.40 0.21
C ASN A 294 -19.78 4.08 0.48
N ALA A 295 -19.92 3.73 1.76
CA ALA A 295 -20.61 2.49 2.16
C ALA A 295 -22.13 2.64 2.30
N GLY A 296 -22.64 3.85 2.10
CA GLY A 296 -24.08 4.13 2.22
C GLY A 296 -24.58 4.06 3.66
N VAL A 297 -23.71 4.45 4.59
CA VAL A 297 -24.04 4.38 6.01
C VAL A 297 -24.37 5.78 6.54
N PRO A 298 -25.55 5.94 7.19
CA PRO A 298 -25.96 7.21 7.83
C PRO A 298 -24.94 7.67 8.87
N GLN A 299 -24.81 8.99 9.04
CA GLN A 299 -23.84 9.52 10.00
C GLN A 299 -24.50 10.37 11.06
N LEU A 300 -23.83 10.42 12.22
CA LEU A 300 -24.19 11.32 13.29
C LEU A 300 -22.95 12.18 13.47
N ILE A 301 -23.14 13.48 13.27
CA ILE A 301 -22.01 14.38 13.23
C ILE A 301 -22.08 15.36 14.37
N VAL A 302 -21.03 15.35 15.19
CA VAL A 302 -20.90 16.22 16.35
C VAL A 302 -19.90 17.34 16.04
N PRO A 303 -19.92 18.44 16.81
CA PRO A 303 -18.98 19.54 16.50
C PRO A 303 -17.51 19.11 16.63
N GLN A 304 -16.63 19.74 15.86
CA GLN A 304 -15.19 19.59 16.05
C GLN A 304 -14.67 20.82 16.78
N GLY A 305 -14.28 20.65 18.05
CA GLY A 305 -14.07 21.78 18.93
C GLY A 305 -15.44 22.31 19.24
N GLY A 306 -15.62 23.62 19.17
CA GLY A 306 -16.94 24.22 19.42
C GLY A 306 -17.73 24.52 18.15
N ASN A 307 -17.27 23.98 17.03
CA ASN A 307 -17.82 24.35 15.72
C ASN A 307 -18.13 23.15 14.83
N PHE A 308 -19.37 23.07 14.35
CA PHE A 308 -19.71 22.11 13.29
C PHE A 308 -18.90 22.44 12.04
N VAL A 309 -18.32 21.40 11.44
CA VAL A 309 -17.58 21.51 10.19
C VAL A 309 -18.56 21.71 9.02
N GLU A 310 -18.25 22.66 8.13
CA GLU A 310 -19.13 23.01 7.01
C GLU A 310 -19.51 21.80 6.15
N ALA A 311 -18.52 20.97 5.84
CA ALA A 311 -18.75 19.74 5.09
C ALA A 311 -19.83 18.88 5.74
N GLY A 312 -19.76 18.73 7.05
CA GLY A 312 -20.74 17.92 7.78
C GLY A 312 -22.15 18.49 7.74
N LEU A 313 -22.26 19.82 7.78
CA LEU A 313 -23.56 20.48 7.65
C LEU A 313 -24.22 20.24 6.29
N ARG A 314 -23.41 20.16 5.24
CA ARG A 314 -23.93 19.93 3.90
C ARG A 314 -24.45 18.50 3.75
N ILE A 315 -23.79 17.55 4.41
CA ILE A 315 -24.23 16.14 4.42
C ILE A 315 -25.57 16.02 5.15
N SER A 316 -25.64 16.71 6.30
CA SER A 316 -26.88 16.80 7.10
C SER A 316 -28.04 17.41 6.30
N ASP A 317 -27.77 18.53 5.63
CA ASP A 317 -28.75 19.18 4.75
C ASP A 317 -29.27 18.23 3.68
N PHE A 318 -28.35 17.50 3.02
CA PHE A 318 -28.72 16.54 1.96
C PHE A 318 -29.62 15.42 2.50
N GLY A 319 -29.50 15.15 3.80
CA GLY A 319 -30.33 14.14 4.45
C GLY A 319 -29.64 12.83 4.76
N ALA A 320 -28.32 12.78 4.57
CA ALA A 320 -27.54 11.56 4.81
C ALA A 320 -26.92 11.49 6.21
N ALA A 321 -27.20 12.52 7.02
CA ALA A 321 -26.70 12.59 8.40
C ALA A 321 -27.62 13.42 9.28
N ILE A 322 -27.38 13.34 10.60
CA ILE A 322 -27.96 14.25 11.59
C ILE A 322 -26.81 14.97 12.27
N THR A 323 -27.01 16.27 12.46
CA THR A 323 -26.06 17.14 13.12
C THR A 323 -26.58 17.39 14.53
N VAL A 324 -25.70 17.20 15.52
CA VAL A 324 -26.14 17.15 16.92
C VAL A 324 -25.03 17.60 17.86
N ASP A 325 -25.40 18.40 18.87
CA ASP A 325 -24.46 18.70 19.94
C ASP A 325 -24.48 17.63 21.03
N GLU A 326 -23.36 16.93 21.17
CA GLU A 326 -23.19 15.82 22.11
C GLU A 326 -23.42 16.18 23.58
N ASN A 327 -23.15 17.44 23.92
CA ASN A 327 -23.22 17.92 25.30
C ASN A 327 -24.63 18.23 25.81
N THR A 328 -25.61 18.15 24.91
CA THR A 328 -27.01 18.11 25.31
C THR A 328 -27.33 16.65 25.66
N PRO A 329 -27.75 16.41 26.91
CA PRO A 329 -28.08 15.05 27.35
C PRO A 329 -29.18 14.40 26.49
N GLU A 330 -28.95 13.14 26.14
CA GLU A 330 -29.90 12.34 25.35
C GLU A 330 -29.93 12.70 23.86
N ALA A 331 -29.26 13.78 23.47
CA ALA A 331 -29.27 14.20 22.07
C ALA A 331 -28.72 13.13 21.12
N VAL A 332 -27.56 12.56 21.48
CA VAL A 332 -26.92 11.47 20.72
C VAL A 332 -27.77 10.20 20.67
N GLU A 333 -28.34 9.82 21.82
CA GLU A 333 -29.24 8.67 21.93
C GLU A 333 -30.45 8.80 21.01
N LYS A 334 -31.11 9.97 21.06
CA LYS A 334 -32.26 10.28 20.23
C LYS A 334 -31.91 10.22 18.73
N ALA A 335 -30.79 10.84 18.35
CA ALA A 335 -30.33 10.88 16.96
C ALA A 335 -30.00 9.49 16.41
N CYS A 336 -29.27 8.68 17.19
CA CYS A 336 -29.01 7.28 16.83
C CYS A 336 -30.30 6.51 16.58
N GLY A 337 -31.30 6.71 17.44
CA GLY A 337 -32.61 6.08 17.29
C GLY A 337 -33.28 6.45 15.98
N GLU A 338 -33.20 7.73 15.64
CA GLU A 338 -33.73 8.25 14.39
C GLU A 338 -32.98 7.70 13.18
N LEU A 339 -31.65 7.66 13.25
CA LEU A 339 -30.81 7.15 12.15
C LEU A 339 -30.99 5.65 11.91
N ILE A 340 -31.41 4.93 12.94
CA ILE A 340 -31.60 3.49 12.85
C ILE A 340 -33.01 3.16 12.40
N GLY A 341 -33.99 3.94 12.86
CA GLY A 341 -35.41 3.66 12.63
C GLY A 341 -36.06 4.36 11.45
N ASN A 342 -35.40 5.39 10.91
CA ASN A 342 -35.89 6.12 9.74
C ASN A 342 -34.98 5.84 8.53
N PRO A 343 -35.45 5.00 7.59
CA PRO A 343 -34.67 4.58 6.42
C PRO A 343 -34.22 5.69 5.45
N SER A 344 -34.82 6.87 5.55
CA SER A 344 -34.49 7.95 4.60
C SER A 344 -33.03 8.36 4.66
N TYR A 345 -32.44 8.32 5.87
CA TYR A 345 -31.04 8.71 6.05
C TYR A 345 -30.10 7.78 5.30
N ALA A 346 -30.41 6.49 5.36
CA ALA A 346 -29.63 5.47 4.63
C ALA A 346 -29.87 5.57 3.12
N GLU A 347 -31.13 5.87 2.75
CA GLU A 347 -31.49 6.16 1.35
C GLU A 347 -30.64 7.28 0.76
N ARG A 348 -30.52 8.40 1.50
CA ARG A 348 -29.69 9.51 1.07
C ARG A 348 -28.21 9.15 1.07
N ALA A 349 -27.77 8.40 2.07
CA ALA A 349 -26.38 7.88 2.09
C ALA A 349 -26.07 7.00 0.86
N ARG A 350 -27.00 6.11 0.50
CA ARG A 350 -26.79 5.26 -0.68
C ARG A 350 -26.76 6.05 -2.00
N GLU A 351 -27.50 7.17 -2.03
CA GLU A 351 -27.48 8.10 -3.16
C GLU A 351 -26.07 8.68 -3.31
N LEU A 352 -25.49 9.09 -2.19
CA LEU A 352 -24.12 9.60 -2.18
C LEU A 352 -23.12 8.51 -2.53
N SER A 353 -23.36 7.29 -2.02
CA SER A 353 -22.55 6.14 -2.37
C SER A 353 -22.55 5.91 -3.89
N ALA A 354 -23.74 6.02 -4.51
CA ALA A 354 -23.87 5.84 -5.96
C ALA A 354 -23.09 6.91 -6.72
N GLU A 355 -23.17 8.15 -6.25
CA GLU A 355 -22.45 9.27 -6.87
C GLU A 355 -20.94 9.03 -6.85
N ILE A 356 -20.42 8.59 -5.70
CA ILE A 356 -18.99 8.31 -5.57
C ILE A 356 -18.54 7.20 -6.53
N ALA A 357 -19.35 6.14 -6.66
CA ALA A 357 -18.99 4.97 -7.47
C ALA A 357 -18.91 5.28 -8.96
N ALA A 358 -19.63 6.32 -9.38
CA ALA A 358 -19.66 6.77 -10.76
C ALA A 358 -18.48 7.68 -11.13
N LEU A 359 -17.65 8.04 -10.16
CA LEU A 359 -16.56 8.95 -10.43
C LEU A 359 -15.34 8.22 -11.00
N PRO A 360 -14.46 8.94 -11.71
CA PRO A 360 -13.28 8.29 -12.29
C PRO A 360 -12.40 7.58 -11.25
N LEU A 361 -11.96 6.37 -11.59
CA LEU A 361 -11.06 5.62 -10.70
C LEU A 361 -9.72 6.30 -10.54
N PRO A 362 -9.08 6.09 -9.39
CA PRO A 362 -7.70 6.56 -9.22
C PRO A 362 -6.78 6.15 -10.39
N ALA A 363 -6.91 4.91 -10.85
CA ALA A 363 -6.08 4.46 -12.00
C ALA A 363 -6.34 5.29 -13.25
N GLU A 364 -7.57 5.76 -13.43
CA GLU A 364 -7.92 6.62 -14.57
C GLU A 364 -7.31 8.00 -14.40
N VAL A 365 -7.35 8.50 -13.17
CA VAL A 365 -6.84 9.84 -12.85
C VAL A 365 -5.32 9.90 -13.05
N VAL A 366 -4.62 8.76 -12.92
CA VAL A 366 -3.18 8.71 -13.25
C VAL A 366 -2.88 9.26 -14.65
N GLY A 367 -3.74 8.94 -15.62
CA GLY A 367 -3.61 9.50 -16.98
C GLY A 367 -3.68 11.02 -17.06
N ALA A 368 -4.48 11.65 -16.21
CA ALA A 368 -4.56 13.11 -16.14
C ALA A 368 -3.25 13.67 -15.59
N LEU A 369 -2.66 12.96 -14.64
CA LEU A 369 -1.35 13.34 -14.11
C LEU A 369 -0.28 13.22 -15.21
N GLU A 370 -0.27 12.09 -15.93
CA GLU A 370 0.65 11.90 -17.05
C GLU A 370 0.53 12.99 -18.13
N GLY A 371 -0.70 13.44 -18.36
CA GLY A 371 -0.97 14.47 -19.40
C GLY A 371 -0.34 15.81 -19.09
N LEU A 372 -0.09 16.06 -17.81
CA LEU A 372 0.57 17.29 -17.37
C LEU A 372 2.07 17.37 -17.68
N VAL A 373 2.72 16.23 -17.86
CA VAL A 373 4.17 16.23 -18.16
C VAL A 373 4.54 15.70 -19.55
N GLU A 374 3.58 15.12 -20.27
CA GLU A 374 3.83 14.67 -21.65
C GLU A 374 2.76 15.13 -22.65
N MET B 1 -16.76 -6.31 -6.16
CA MET B 1 -16.85 -7.70 -5.64
C MET B 1 -15.84 -7.94 -4.50
N LYS B 2 -15.95 -9.09 -3.84
CA LYS B 2 -15.05 -9.50 -2.77
C LYS B 2 -13.99 -10.44 -3.35
N ILE B 3 -12.74 -10.09 -3.14
CA ILE B 3 -11.61 -10.86 -3.67
C ILE B 3 -10.66 -11.25 -2.55
N LEU B 4 -10.48 -12.56 -2.38
CA LEU B 4 -9.54 -13.07 -1.40
C LEU B 4 -8.21 -13.41 -2.08
N PHE B 5 -7.13 -12.78 -1.61
CA PHE B 5 -5.79 -13.13 -2.05
C PHE B 5 -5.19 -14.07 -1.00
N VAL B 6 -4.42 -15.05 -1.47
CA VAL B 6 -3.80 -16.02 -0.56
C VAL B 6 -2.30 -16.03 -0.84
N ALA B 7 -1.53 -15.48 0.10
CA ALA B 7 -0.09 -15.47 0.01
C ALA B 7 0.38 -16.69 0.80
N ALA B 8 1.63 -16.75 1.22
CA ALA B 8 2.10 -17.98 1.85
C ALA B 8 2.90 -17.72 3.11
N GLY B 9 4.19 -18.03 3.07
CA GLY B 9 5.00 -18.06 4.28
C GLY B 9 6.19 -17.13 4.35
N SER B 10 6.43 -16.37 3.29
CA SER B 10 7.56 -15.46 3.25
C SER B 10 7.12 -14.09 2.70
N PRO B 11 7.84 -13.01 3.05
CA PRO B 11 7.37 -11.66 2.65
C PRO B 11 7.20 -11.48 1.12
N ALA B 12 8.07 -12.09 0.33
CA ALA B 12 7.97 -12.03 -1.13
C ALA B 12 6.65 -12.54 -1.70
N THR B 13 6.04 -13.53 -1.05
CA THR B 13 4.77 -14.12 -1.50
C THR B 13 3.62 -13.12 -1.29
N VAL B 14 3.79 -12.27 -0.27
CA VAL B 14 2.88 -11.16 0.01
C VAL B 14 3.11 -10.06 -1.04
N PHE B 15 4.37 -9.64 -1.20
CA PHE B 15 4.64 -8.51 -2.08
C PHE B 15 4.42 -8.80 -3.55
N ALA B 16 4.65 -10.06 -3.94
CA ALA B 16 4.35 -10.48 -5.28
C ALA B 16 2.87 -10.20 -5.66
N LEU B 17 1.96 -10.32 -4.68
CA LEU B 17 0.52 -10.19 -4.95
C LEU B 17 -0.01 -8.78 -4.63
N ALA B 18 0.83 -7.95 -4.00
CA ALA B 18 0.38 -6.64 -3.54
C ALA B 18 -0.06 -5.70 -4.68
N PRO B 19 0.68 -5.66 -5.81
CA PRO B 19 0.25 -4.74 -6.88
C PRO B 19 -1.15 -5.04 -7.44
N LEU B 20 -1.46 -6.30 -7.71
CA LEU B 20 -2.78 -6.65 -8.24
C LEU B 20 -3.87 -6.46 -7.17
N ALA B 21 -3.56 -6.83 -5.93
CA ALA B 21 -4.49 -6.60 -4.82
C ALA B 21 -4.84 -5.14 -4.58
N THR B 22 -3.81 -4.29 -4.56
CA THR B 22 -4.04 -2.85 -4.40
C THR B 22 -4.73 -2.25 -5.63
N ALA B 23 -4.38 -2.74 -6.82
CA ALA B 23 -5.09 -2.29 -8.03
C ALA B 23 -6.59 -2.67 -7.97
N ALA B 24 -6.88 -3.88 -7.48
CA ALA B 24 -8.29 -4.34 -7.35
C ALA B 24 -9.05 -3.49 -6.32
N ARG B 25 -8.41 -3.23 -5.18
CA ARG B 25 -8.93 -2.35 -4.18
C ARG B 25 -9.21 -0.94 -4.74
N ASN B 26 -8.27 -0.42 -5.52
CA ASN B 26 -8.39 0.91 -6.15
C ASN B 26 -9.48 0.95 -7.21
N ALA B 27 -9.90 -0.22 -7.68
CA ALA B 27 -11.01 -0.28 -8.64
C ALA B 27 -12.36 -0.38 -7.91
N GLY B 28 -12.29 -0.48 -6.58
CA GLY B 28 -13.49 -0.43 -5.75
C GLY B 28 -13.92 -1.78 -5.20
N HIS B 29 -13.06 -2.77 -5.35
CA HIS B 29 -13.35 -4.12 -4.87
C HIS B 29 -12.99 -4.24 -3.40
N ASP B 30 -13.68 -5.12 -2.68
CA ASP B 30 -13.35 -5.42 -1.29
C ASP B 30 -12.31 -6.51 -1.25
N VAL B 31 -11.13 -6.17 -0.78
CA VAL B 31 -9.98 -7.06 -0.91
C VAL B 31 -9.40 -7.44 0.46
N PHE B 32 -9.30 -8.74 0.71
CA PHE B 32 -8.59 -9.29 1.87
C PHE B 32 -7.41 -10.11 1.36
N MET B 33 -6.32 -10.16 2.13
CA MET B 33 -5.23 -11.08 1.84
C MET B 33 -4.91 -11.96 3.07
N GLY B 34 -4.82 -13.27 2.84
CA GLY B 34 -4.50 -14.22 3.91
C GLY B 34 -3.09 -14.77 3.77
N ALA B 35 -2.44 -15.04 4.91
CA ALA B 35 -1.17 -15.75 4.94
C ALA B 35 -0.95 -16.28 6.36
N VAL B 36 0.10 -17.08 6.55
CA VAL B 36 0.40 -17.60 7.91
C VAL B 36 0.57 -16.41 8.86
N GLU B 37 0.33 -16.64 10.15
CA GLU B 37 0.37 -15.58 11.17
C GLU B 37 1.63 -14.71 11.10
N ASP B 38 2.78 -15.35 10.91
CA ASP B 38 4.07 -14.66 10.85
C ASP B 38 4.13 -13.65 9.71
N MET B 39 3.32 -13.85 8.68
CA MET B 39 3.29 -12.95 7.52
C MET B 39 2.22 -11.87 7.56
N VAL B 40 1.29 -11.97 8.51
CA VAL B 40 0.22 -10.99 8.62
C VAL B 40 0.76 -9.55 8.72
N PRO B 41 1.83 -9.29 9.53
CA PRO B 41 2.35 -7.92 9.56
C PRO B 41 2.90 -7.45 8.21
N TYR B 42 3.37 -8.38 7.38
CA TYR B 42 3.82 -8.02 6.05
C TYR B 42 2.69 -7.64 5.10
N ILE B 43 1.56 -8.36 5.18
CA ILE B 43 0.35 -7.96 4.47
C ILE B 43 -0.05 -6.55 4.91
N ALA B 44 -0.15 -6.37 6.22
CA ALA B 44 -0.48 -5.06 6.81
C ALA B 44 0.44 -3.95 6.31
N SER B 45 1.76 -4.25 6.22
CA SER B 45 2.78 -3.29 5.76
C SER B 45 2.57 -2.85 4.30
N ALA B 46 1.83 -3.67 3.53
CA ALA B 46 1.45 -3.32 2.16
C ALA B 46 0.18 -2.47 2.12
N GLY B 47 -0.41 -2.20 3.28
CA GLY B 47 -1.67 -1.45 3.38
C GLY B 47 -2.92 -2.24 3.04
N ILE B 48 -2.81 -3.58 3.04
CA ILE B 48 -3.90 -4.47 2.66
C ILE B 48 -4.49 -5.13 3.92
N PRO B 49 -5.83 -5.19 4.00
CA PRO B 49 -6.47 -5.90 5.13
C PRO B 49 -6.01 -7.36 5.21
N ALA B 50 -5.64 -7.80 6.41
CA ALA B 50 -4.88 -9.05 6.56
C ALA B 50 -5.60 -10.03 7.48
N VAL B 51 -5.70 -11.28 7.03
CA VAL B 51 -6.19 -12.36 7.87
C VAL B 51 -5.15 -13.48 8.00
N ALA B 52 -5.14 -14.15 9.14
CA ALA B 52 -4.23 -15.26 9.37
C ALA B 52 -4.88 -16.56 8.88
N THR B 53 -4.11 -17.38 8.16
CA THR B 53 -4.60 -18.66 7.65
C THR B 53 -4.21 -19.86 8.53
N THR B 54 -3.23 -19.65 9.41
CA THR B 54 -2.76 -20.66 10.37
C THR B 54 -1.88 -19.92 11.39
N ASP B 55 -1.89 -20.40 12.62
CA ASP B 55 -1.01 -19.84 13.65
C ASP B 55 0.38 -20.50 13.65
N LEU B 56 0.60 -21.49 12.79
CA LEU B 56 1.86 -22.23 12.75
C LEU B 56 2.87 -21.55 11.84
N PRO B 57 4.15 -21.56 12.21
CA PRO B 57 5.18 -20.98 11.35
C PRO B 57 5.57 -21.93 10.22
N ILE B 58 6.23 -21.39 9.18
CA ILE B 58 6.62 -22.23 8.04
C ILE B 58 7.52 -23.39 8.45
N ARG B 59 8.38 -23.18 9.45
CA ARG B 59 9.27 -24.24 9.93
C ARG B 59 8.53 -25.52 10.31
N HIS B 60 7.32 -25.39 10.85
CA HIS B 60 6.51 -26.54 11.23
C HIS B 60 6.15 -27.40 10.01
N PHE B 61 5.76 -26.75 8.92
CA PHE B 61 5.35 -27.45 7.69
C PHE B 61 6.54 -28.03 6.93
N ILE B 62 7.68 -27.34 6.97
CA ILE B 62 8.93 -27.77 6.36
C ILE B 62 9.55 -29.00 7.04
N THR B 63 9.66 -28.97 8.37
CA THR B 63 10.46 -29.97 9.10
C THR B 63 9.73 -31.23 9.54
N MET B 64 8.40 -31.21 9.52
CA MET B 64 7.63 -32.40 9.94
C MET B 64 6.52 -32.71 8.96
N ASP B 65 6.13 -33.98 8.84
CA ASP B 65 4.95 -34.32 8.04
C ASP B 65 3.68 -34.08 8.87
N ARG B 66 2.51 -34.39 8.32
CA ARG B 66 1.26 -34.11 9.03
C ARG B 66 1.15 -34.95 10.29
N GLU B 67 1.83 -36.10 10.31
CA GLU B 67 1.79 -37.01 11.44
C GLU B 67 2.97 -36.83 12.40
N GLY B 68 3.69 -35.71 12.27
CA GLY B 68 4.78 -35.40 13.20
C GLY B 68 6.14 -36.04 12.93
N ASN B 69 6.20 -36.88 11.91
CA ASN B 69 7.45 -37.51 11.49
C ASN B 69 8.41 -36.50 10.86
N PRO B 70 9.71 -36.56 11.23
CA PRO B 70 10.71 -35.66 10.63
C PRO B 70 10.85 -35.86 9.12
N VAL B 71 11.06 -34.76 8.41
CA VAL B 71 11.19 -34.78 6.95
C VAL B 71 12.65 -34.56 6.56
N ARG B 72 13.16 -35.42 5.68
CA ARG B 72 14.53 -35.32 5.20
C ARG B 72 14.71 -34.11 4.28
N MET B 73 15.68 -33.25 4.59
CA MET B 73 15.94 -32.06 3.77
C MET B 73 16.51 -32.42 2.39
N PRO B 74 16.10 -31.69 1.32
CA PRO B 74 16.54 -32.02 -0.03
C PRO B 74 18.01 -31.66 -0.27
N GLU B 75 18.70 -32.45 -1.09
CA GLU B 75 20.13 -32.24 -1.38
C GLU B 75 20.38 -31.79 -2.84
N THR B 76 19.35 -31.89 -3.68
CA THR B 76 19.45 -31.56 -5.10
C THR B 76 18.27 -30.70 -5.55
N PRO B 77 18.40 -30.04 -6.72
CA PRO B 77 17.26 -29.26 -7.21
C PRO B 77 16.03 -30.15 -7.44
N GLU B 78 16.26 -31.38 -7.88
CA GLU B 78 15.18 -32.33 -8.17
C GLU B 78 14.42 -32.72 -6.90
N GLU B 79 15.17 -33.08 -5.85
CA GLU B 79 14.60 -33.36 -4.54
C GLU B 79 13.88 -32.12 -3.98
N GLU B 80 14.47 -30.94 -4.21
CA GLU B 80 13.88 -29.67 -3.75
C GLU B 80 12.47 -29.47 -4.27
N LEU B 81 12.24 -29.80 -5.55
CA LEU B 81 10.93 -29.65 -6.16
C LEU B 81 9.87 -30.54 -5.52
N ASP B 82 10.22 -31.78 -5.23
CA ASP B 82 9.29 -32.68 -4.55
C ASP B 82 9.14 -32.28 -3.08
N PHE B 83 10.25 -31.95 -2.44
CA PHE B 83 10.25 -31.45 -1.07
C PHE B 83 9.33 -30.22 -0.89
N ALA B 84 9.47 -29.24 -1.77
CA ALA B 84 8.64 -28.02 -1.71
C ALA B 84 7.16 -28.32 -1.99
N GLY B 85 6.91 -29.18 -2.98
CA GLY B 85 5.55 -29.60 -3.28
C GLY B 85 4.85 -30.15 -2.05
N HIS B 86 5.56 -31.01 -1.31
CA HIS B 86 4.98 -31.59 -0.12
C HIS B 86 4.81 -30.58 1.03
N TRP B 87 5.82 -29.76 1.28
CA TRP B 87 5.70 -28.82 2.41
C TRP B 87 4.70 -27.68 2.15
N PHE B 88 4.70 -27.11 0.94
CA PHE B 88 3.65 -26.15 0.57
C PHE B 88 2.28 -26.80 0.65
N GLY B 89 2.21 -28.08 0.28
CA GLY B 89 0.99 -28.87 0.41
C GLY B 89 0.51 -28.98 1.83
N ARG B 90 1.43 -29.25 2.76
CA ARG B 90 1.07 -29.36 4.16
C ARG B 90 0.62 -28.01 4.70
N MET B 91 1.34 -26.95 4.31
CA MET B 91 0.94 -25.60 4.72
C MET B 91 -0.46 -25.29 4.21
N ALA B 92 -0.75 -25.69 2.97
CA ALA B 92 -2.10 -25.52 2.39
C ALA B 92 -3.16 -26.30 3.18
N ALA B 93 -2.89 -27.57 3.48
CA ALA B 93 -3.84 -28.36 4.25
C ALA B 93 -4.09 -27.73 5.63
N GLY B 94 -3.03 -27.23 6.25
CA GLY B 94 -3.13 -26.59 7.56
C GLY B 94 -3.80 -25.23 7.55
N SER B 95 -4.08 -24.70 6.36
CA SER B 95 -4.70 -23.39 6.20
C SER B 95 -6.23 -23.44 6.05
N MET B 96 -6.77 -24.64 5.88
CA MET B 96 -8.16 -24.77 5.45
C MET B 96 -9.20 -24.43 6.50
N ASP B 97 -8.96 -24.80 7.76
CA ASP B 97 -9.87 -24.46 8.85
C ASP B 97 -10.12 -22.95 8.92
N ALA B 98 -9.03 -22.17 8.91
CA ALA B 98 -9.11 -20.73 9.04
C ALA B 98 -9.76 -20.12 7.81
N LEU B 99 -9.38 -20.58 6.63
CA LEU B 99 -9.99 -20.12 5.38
C LEU B 99 -11.48 -20.44 5.30
N ARG B 100 -11.88 -21.61 5.80
CA ARG B 100 -13.28 -21.97 5.88
C ARG B 100 -14.05 -21.01 6.74
N GLU B 101 -13.45 -20.66 7.87
CA GLU B 101 -14.09 -19.80 8.85
C GLU B 101 -14.20 -18.37 8.32
N VAL B 102 -13.14 -17.87 7.70
CA VAL B 102 -13.15 -16.53 7.11
C VAL B 102 -14.24 -16.43 6.04
N THR B 103 -14.21 -17.38 5.11
CA THR B 103 -15.09 -17.33 3.94
C THR B 103 -16.55 -17.67 4.25
N ALA B 104 -16.82 -18.22 5.44
CA ALA B 104 -18.20 -18.40 5.91
C ALA B 104 -18.86 -17.06 6.28
N ASN B 105 -18.04 -16.08 6.66
CA ASN B 105 -18.52 -14.79 7.12
C ASN B 105 -18.33 -13.68 6.09
N TRP B 106 -17.32 -13.86 5.24
CA TRP B 106 -16.99 -12.92 4.18
C TRP B 106 -16.72 -13.79 2.98
N ARG B 107 -17.73 -13.98 2.15
CA ARG B 107 -17.67 -14.91 1.03
C ARG B 107 -17.10 -14.25 -0.23
N PRO B 108 -15.92 -14.71 -0.70
CA PRO B 108 -15.34 -14.03 -1.86
C PRO B 108 -16.06 -14.43 -3.14
N ASP B 109 -16.04 -13.52 -4.10
CA ASP B 109 -16.54 -13.81 -5.45
C ASP B 109 -15.44 -14.43 -6.32
N LEU B 110 -14.20 -14.27 -5.86
CA LEU B 110 -13.01 -14.72 -6.59
C LEU B 110 -11.87 -14.91 -5.61
N VAL B 111 -11.03 -15.91 -5.88
CA VAL B 111 -9.86 -16.18 -5.05
C VAL B 111 -8.62 -16.14 -5.94
N VAL B 112 -7.61 -15.37 -5.50
CA VAL B 112 -6.34 -15.26 -6.22
C VAL B 112 -5.23 -15.82 -5.31
N GLY B 113 -4.47 -16.79 -5.80
CA GLY B 113 -3.35 -17.31 -5.03
C GLY B 113 -2.02 -17.15 -5.77
N GLY B 114 -0.93 -17.10 -5.03
CA GLY B 114 0.40 -17.11 -5.62
C GLY B 114 0.79 -18.50 -6.11
N SER B 115 1.96 -18.63 -6.73
CA SER B 115 2.35 -19.88 -7.37
C SER B 115 2.04 -21.12 -6.55
N MET B 116 2.49 -21.16 -5.30
CA MET B 116 2.30 -22.38 -4.52
C MET B 116 1.36 -22.21 -3.32
N SER B 117 0.43 -21.25 -3.43
CA SER B 117 -0.65 -21.06 -2.43
C SER B 117 -1.79 -22.05 -2.71
N PHE B 118 -1.57 -23.34 -2.46
CA PHE B 118 -2.50 -24.35 -2.98
C PHE B 118 -3.85 -24.31 -2.28
N ALA B 119 -3.86 -23.76 -1.07
CA ALA B 119 -5.11 -23.57 -0.34
C ALA B 119 -6.08 -22.64 -1.08
N ALA B 120 -5.54 -21.76 -1.94
CA ALA B 120 -6.38 -20.91 -2.77
C ALA B 120 -7.19 -21.76 -3.76
N ALA B 121 -6.56 -22.77 -4.37
CA ALA B 121 -7.27 -23.65 -5.30
C ALA B 121 -8.35 -24.44 -4.56
N LEU B 122 -8.01 -24.91 -3.37
CA LEU B 122 -8.90 -25.75 -2.58
C LEU B 122 -10.12 -24.99 -2.09
N ILE B 123 -9.91 -23.81 -1.51
CA ILE B 123 -11.03 -23.02 -0.99
C ILE B 123 -11.91 -22.48 -2.12
N ALA B 124 -11.31 -22.16 -3.26
CA ALA B 124 -12.13 -21.70 -4.39
C ALA B 124 -13.04 -22.82 -4.91
N ALA B 125 -12.49 -24.04 -4.99
CA ALA B 125 -13.30 -25.18 -5.43
C ALA B 125 -14.43 -25.48 -4.45
N GLU B 126 -14.13 -25.37 -3.15
CA GLU B 126 -15.12 -25.63 -2.10
C GLU B 126 -16.25 -24.60 -2.16
N LEU B 127 -15.88 -23.34 -2.42
CA LEU B 127 -16.85 -22.26 -2.55
C LEU B 127 -17.55 -22.27 -3.91
N GLY B 128 -16.94 -22.90 -4.91
CA GLY B 128 -17.47 -22.86 -6.28
C GLY B 128 -17.30 -21.49 -6.92
N VAL B 129 -16.17 -20.84 -6.66
CA VAL B 129 -15.86 -19.56 -7.29
C VAL B 129 -14.53 -19.68 -8.07
N PRO B 130 -14.32 -18.80 -9.05
CA PRO B 130 -13.11 -18.93 -9.88
C PRO B 130 -11.81 -18.76 -9.09
N TYR B 131 -10.80 -19.52 -9.51
CA TYR B 131 -9.49 -19.49 -8.91
C TYR B 131 -8.48 -18.91 -9.90
N VAL B 132 -7.76 -17.89 -9.46
CA VAL B 132 -6.72 -17.26 -10.28
C VAL B 132 -5.37 -17.60 -9.66
N ARG B 133 -4.45 -18.10 -10.49
CA ARG B 133 -3.11 -18.36 -10.02
C ARG B 133 -2.19 -17.27 -10.57
N GLN B 134 -1.52 -16.55 -9.68
CA GLN B 134 -0.53 -15.55 -10.12
C GLN B 134 0.87 -16.02 -9.81
N ALA B 135 1.73 -16.09 -10.81
CA ALA B 135 3.15 -16.37 -10.54
C ALA B 135 3.67 -15.32 -9.56
N TRP B 136 4.38 -15.79 -8.54
CA TRP B 136 4.97 -14.90 -7.55
C TRP B 136 6.48 -14.67 -7.74
N ASP B 137 7.04 -15.30 -8.77
CA ASP B 137 8.37 -14.92 -9.26
C ASP B 137 8.52 -15.34 -10.73
N THR B 138 9.73 -15.27 -11.27
CA THR B 138 9.92 -15.65 -12.69
C THR B 138 10.12 -17.14 -12.85
N GLY B 139 10.17 -17.86 -11.74
CA GLY B 139 10.27 -19.33 -11.78
C GLY B 139 8.97 -19.93 -12.23
N ASP B 140 9.03 -21.18 -12.69
CA ASP B 140 7.84 -21.88 -13.19
C ASP B 140 6.86 -22.13 -12.05
N ALA B 141 5.68 -21.54 -12.15
CA ALA B 141 4.68 -21.62 -11.06
C ALA B 141 4.23 -23.05 -10.75
N TRP B 142 4.23 -23.90 -11.77
CA TRP B 142 3.64 -25.25 -11.74
C TRP B 142 4.65 -26.32 -11.32
N ARG B 143 5.88 -25.91 -11.05
CA ARG B 143 6.99 -26.86 -10.99
C ARG B 143 6.97 -27.83 -9.80
N THR B 144 6.16 -27.55 -8.78
CA THR B 144 6.03 -28.46 -7.63
C THR B 144 4.69 -29.17 -7.61
N ASP B 145 3.86 -28.91 -8.62
CA ASP B 145 2.48 -29.43 -8.65
C ASP B 145 2.34 -30.96 -8.46
N PRO B 146 3.20 -31.76 -9.11
CA PRO B 146 2.99 -33.22 -8.96
C PRO B 146 3.07 -33.70 -7.49
N ALA B 147 4.06 -33.23 -6.74
CA ALA B 147 4.20 -33.59 -5.31
C ALA B 147 3.10 -32.94 -4.46
N ALA B 148 2.71 -31.72 -4.81
CA ALA B 148 1.64 -31.01 -4.13
C ALA B 148 0.30 -31.71 -4.31
N SER B 149 0.05 -32.22 -5.52
CA SER B 149 -1.15 -33.01 -5.80
C SER B 149 -1.18 -34.34 -5.02
N ASP B 150 -0.01 -34.92 -4.76
CA ASP B 150 0.05 -36.10 -3.90
C ASP B 150 -0.27 -35.71 -2.45
N GLU B 151 0.37 -34.65 -1.96
CA GLU B 151 0.17 -34.20 -0.57
C GLU B 151 -1.30 -33.93 -0.26
N LEU B 152 -1.97 -33.28 -1.21
CA LEU B 152 -3.37 -32.93 -1.07
C LEU B 152 -4.35 -33.94 -1.66
N ARG B 153 -3.90 -35.16 -1.95
CA ARG B 153 -4.82 -36.15 -2.54
C ARG B 153 -6.15 -36.29 -1.77
N PRO B 154 -6.13 -36.41 -0.41
CA PRO B 154 -7.39 -36.55 0.34
C PRO B 154 -8.33 -35.34 0.21
N GLU B 155 -7.79 -34.12 0.38
CA GLU B 155 -8.58 -32.87 0.22
C GLU B 155 -9.15 -32.76 -1.19
N LEU B 156 -8.35 -33.16 -2.18
CA LEU B 156 -8.76 -33.12 -3.57
C LEU B 156 -9.85 -34.15 -3.88
N ARG B 157 -9.68 -35.35 -3.32
CA ARG B 157 -10.67 -36.43 -3.43
C ARG B 157 -12.04 -36.00 -2.89
N ALA B 158 -12.03 -35.30 -1.75
CA ALA B 158 -13.26 -34.82 -1.15
C ALA B 158 -13.94 -33.77 -2.03
N LEU B 159 -13.20 -33.18 -2.96
CA LEU B 159 -13.76 -32.17 -3.87
C LEU B 159 -14.08 -32.77 -5.24
N GLY B 160 -13.83 -34.06 -5.38
CA GLY B 160 -14.09 -34.80 -6.63
C GLY B 160 -13.01 -34.64 -7.67
N LEU B 161 -11.81 -34.25 -7.23
CA LEU B 161 -10.68 -34.00 -8.13
C LEU B 161 -9.57 -35.04 -7.97
N ASP B 162 -8.94 -35.41 -9.08
CA ASP B 162 -7.86 -36.40 -9.09
C ASP B 162 -6.48 -35.76 -8.90
N ARG B 163 -6.42 -34.44 -9.04
CA ARG B 163 -5.18 -33.65 -8.94
C ARG B 163 -5.53 -32.19 -8.73
N LEU B 164 -4.52 -31.34 -8.54
CA LEU B 164 -4.75 -29.91 -8.44
C LEU B 164 -5.45 -29.42 -9.70
N PRO B 165 -6.55 -28.65 -9.53
CA PRO B 165 -7.31 -28.17 -10.68
C PRO B 165 -6.52 -27.12 -11.43
N ASP B 166 -6.81 -27.00 -12.73
CA ASP B 166 -6.29 -25.90 -13.51
C ASP B 166 -6.96 -24.61 -13.02
N PRO B 167 -6.19 -23.52 -12.90
CA PRO B 167 -6.85 -22.26 -12.53
C PRO B 167 -7.78 -21.78 -13.65
N ALA B 168 -8.79 -20.99 -13.29
CA ALA B 168 -9.65 -20.33 -14.26
C ALA B 168 -8.84 -19.30 -15.05
N LEU B 169 -7.75 -18.83 -14.47
CA LEU B 169 -6.87 -17.87 -15.14
C LEU B 169 -5.48 -17.98 -14.56
N PHE B 170 -4.46 -17.99 -15.42
CA PHE B 170 -3.07 -17.94 -14.94
C PHE B 170 -2.54 -16.55 -15.26
N VAL B 171 -2.12 -15.79 -14.24
CA VAL B 171 -1.50 -14.47 -14.44
C VAL B 171 0.01 -14.60 -14.24
N ASP B 172 0.77 -14.24 -15.26
CA ASP B 172 2.22 -14.43 -15.22
C ASP B 172 2.96 -13.09 -15.24
N ILE B 173 3.96 -12.96 -14.38
CA ILE B 173 4.79 -11.75 -14.34
C ILE B 173 6.20 -11.96 -14.94
N CYS B 174 6.46 -13.14 -15.51
CA CYS B 174 7.77 -13.42 -16.11
C CYS B 174 7.95 -12.73 -17.45
N PRO B 175 9.04 -11.94 -17.62
CA PRO B 175 9.39 -11.34 -18.92
C PRO B 175 9.40 -12.40 -20.02
N PRO B 176 8.82 -12.10 -21.20
CA PRO B 176 8.72 -13.07 -22.30
C PRO B 176 10.04 -13.81 -22.62
N SER B 177 11.15 -13.08 -22.64
CA SER B 177 12.45 -13.68 -22.96
C SER B 177 12.90 -14.77 -21.98
N LEU B 178 12.36 -14.72 -20.76
CA LEU B 178 12.74 -15.68 -19.71
C LEU B 178 11.71 -16.80 -19.53
N ARG B 179 10.57 -16.71 -20.20
CA ARG B 179 9.58 -17.79 -20.15
C ARG B 179 10.11 -19.02 -20.87
N PRO B 180 9.97 -20.21 -20.25
CA PRO B 180 10.45 -21.41 -20.91
C PRO B 180 9.58 -21.80 -22.12
N ALA B 181 10.14 -22.64 -22.98
CA ALA B 181 9.47 -23.14 -24.18
C ALA B 181 8.10 -23.79 -23.89
N ASP B 182 7.96 -24.41 -22.71
CA ASP B 182 6.72 -25.11 -22.35
C ASP B 182 5.77 -24.33 -21.43
N ALA B 183 5.99 -23.01 -21.30
CA ALA B 183 5.12 -22.19 -20.46
C ALA B 183 3.70 -22.25 -20.98
N PRO B 184 2.71 -22.38 -20.09
CA PRO B 184 1.32 -22.37 -20.51
C PRO B 184 0.84 -20.94 -20.85
N PRO B 185 -0.26 -20.83 -21.61
CA PRO B 185 -0.81 -19.51 -21.91
C PRO B 185 -1.12 -18.76 -20.62
N ALA B 186 -0.97 -17.44 -20.66
CA ALA B 186 -1.23 -16.62 -19.48
C ALA B 186 -1.77 -15.26 -19.84
N GLN B 187 -2.42 -14.62 -18.86
CA GLN B 187 -2.62 -13.17 -18.89
C GLN B 187 -1.34 -12.58 -18.31
N MET B 188 -0.59 -11.81 -19.11
CA MET B 188 0.69 -11.25 -18.63
C MET B 188 0.37 -10.03 -17.76
N MET B 189 1.26 -9.73 -16.81
CA MET B 189 1.11 -8.53 -16.01
C MET B 189 2.47 -7.97 -15.66
N ARG B 190 2.57 -6.64 -15.72
CA ARG B 190 3.73 -5.91 -15.27
C ARG B 190 3.75 -5.91 -13.75
N TRP B 191 4.75 -6.57 -13.17
CA TRP B 191 4.94 -6.51 -11.72
C TRP B 191 5.63 -5.18 -11.38
N VAL B 192 5.12 -4.52 -10.35
CA VAL B 192 5.64 -3.22 -9.90
C VAL B 192 6.24 -3.44 -8.54
N PRO B 193 7.51 -3.02 -8.34
CA PRO B 193 8.15 -3.36 -7.08
C PRO B 193 7.41 -2.77 -5.91
N ALA B 194 7.11 -3.61 -4.93
CA ALA B 194 6.54 -3.14 -3.68
C ALA B 194 7.14 -3.93 -2.52
N ASN B 195 7.29 -3.26 -1.38
CA ASN B 195 7.75 -3.88 -0.14
C ASN B 195 7.32 -3.00 1.02
N GLY B 196 7.56 -3.49 2.25
CA GLY B 196 7.24 -2.72 3.45
C GLY B 196 8.01 -1.42 3.44
N GLN B 197 7.51 -0.44 4.18
CA GLN B 197 8.14 0.88 4.18
C GLN B 197 8.35 1.40 5.59
N ARG B 198 9.35 2.27 5.74
CA ARG B 198 9.63 3.03 6.97
C ARG B 198 10.36 4.28 6.50
N ARG B 199 10.49 5.27 7.36
CA ARG B 199 11.17 6.53 7.01
C ARG B 199 12.41 6.34 6.09
N LEU B 200 12.39 6.98 4.92
CA LEU B 200 13.55 6.97 4.03
C LEU B 200 14.63 7.87 4.59
N GLU B 201 15.88 7.44 4.49
CA GLU B 201 17.01 8.32 4.78
C GLU B 201 17.66 8.71 3.45
N PRO B 202 18.26 9.91 3.37
CA PRO B 202 18.74 10.40 2.08
C PRO B 202 19.67 9.45 1.28
N TRP B 203 20.51 8.67 1.95
CA TRP B 203 21.44 7.75 1.26
C TRP B 203 20.70 6.72 0.42
N MET B 204 19.50 6.33 0.89
CA MET B 204 18.70 5.30 0.23
C MET B 204 18.33 5.62 -1.21
N TYR B 205 18.10 6.89 -1.49
CA TYR B 205 17.65 7.31 -2.83
C TYR B 205 18.67 8.25 -3.48
N THR B 206 19.86 8.35 -2.90
CA THR B 206 20.96 9.13 -3.50
C THR B 206 22.02 8.18 -4.03
N LYS B 207 22.27 8.24 -5.34
CA LYS B 207 23.42 7.54 -5.90
C LYS B 207 24.64 8.44 -5.80
N GLY B 208 25.80 7.83 -5.54
CA GLY B 208 27.06 8.53 -5.58
C GLY B 208 27.73 8.26 -6.92
N ASN B 209 28.96 8.74 -7.05
CA ASN B 209 29.76 8.45 -8.24
C ASN B 209 30.30 7.03 -8.16
N ARG B 210 30.71 6.63 -6.96
CA ARG B 210 31.23 5.29 -6.71
C ARG B 210 30.13 4.24 -6.82
N PRO B 211 30.42 3.12 -7.50
CA PRO B 211 29.48 2.00 -7.64
C PRO B 211 28.87 1.54 -6.30
N ARG B 212 27.58 1.21 -6.32
CA ARG B 212 26.89 0.72 -5.13
C ARG B 212 26.45 -0.74 -5.28
N ILE B 213 26.93 -1.59 -4.39
CA ILE B 213 26.58 -3.00 -4.43
C ILE B 213 25.65 -3.33 -3.28
N LEU B 214 24.46 -3.86 -3.59
CA LEU B 214 23.52 -4.26 -2.56
C LEU B 214 23.57 -5.76 -2.29
N VAL B 215 23.77 -6.13 -1.02
CA VAL B 215 23.70 -7.52 -0.58
C VAL B 215 22.38 -7.73 0.17
N THR B 216 21.56 -8.71 -0.25
CA THR B 216 20.30 -9.00 0.45
C THR B 216 20.48 -9.99 1.61
N SER B 217 19.51 -10.00 2.53
CA SER B 217 19.60 -10.82 3.75
C SER B 217 19.63 -12.33 3.47
N ARG B 231 31.54 -9.40 5.24
CA ARG B 231 32.56 -9.22 6.28
C ARG B 231 33.95 -9.13 5.66
N GLY B 232 34.38 -10.22 5.03
CA GLY B 232 35.58 -10.23 4.21
C GLY B 232 35.28 -9.54 2.89
N LEU B 233 34.02 -9.63 2.45
CA LEU B 233 33.56 -8.97 1.23
C LEU B 233 33.54 -7.44 1.39
N VAL B 234 33.05 -6.97 2.54
CA VAL B 234 33.01 -5.53 2.81
C VAL B 234 34.41 -4.93 2.83
N ALA B 235 35.35 -5.61 3.47
CA ALA B 235 36.75 -5.20 3.47
C ALA B 235 37.35 -5.21 2.06
N ASP B 236 37.08 -6.29 1.32
CA ASP B 236 37.58 -6.45 -0.05
C ASP B 236 37.02 -5.41 -1.01
N MET B 237 35.69 -5.41 -1.17
CA MET B 237 35.02 -4.56 -2.15
C MET B 237 35.20 -3.07 -1.86
N ALA B 238 35.13 -2.69 -0.59
CA ALA B 238 35.34 -1.30 -0.15
C ALA B 238 36.76 -0.83 -0.48
N ALA B 239 37.61 -1.78 -0.89
CA ALA B 239 38.89 -1.48 -1.49
C ALA B 239 38.85 -1.81 -3.00
N LEU B 240 38.69 -0.79 -3.83
CA LEU B 240 38.42 0.58 -3.39
C LEU B 240 37.29 1.17 -4.25
N ASP B 241 36.86 0.37 -5.23
CA ASP B 241 35.91 0.79 -6.26
C ASP B 241 34.49 1.09 -5.75
N ALA B 242 33.94 0.22 -4.91
CA ALA B 242 32.50 0.26 -4.62
C ALA B 242 32.13 0.29 -3.13
N GLU B 243 30.95 0.85 -2.83
CA GLU B 243 30.38 0.72 -1.48
C GLU B 243 29.36 -0.41 -1.41
N VAL B 244 29.31 -1.05 -0.24
CA VAL B 244 28.39 -2.16 0.00
C VAL B 244 27.27 -1.75 0.96
N VAL B 245 26.04 -2.02 0.56
CA VAL B 245 24.87 -1.83 1.42
C VAL B 245 24.32 -3.22 1.74
N ILE B 246 24.15 -3.51 3.02
CA ILE B 246 23.63 -4.82 3.45
C ILE B 246 22.19 -4.75 4.00
N ALA B 247 21.26 -5.32 3.25
CA ALA B 247 19.87 -5.42 3.68
C ALA B 247 19.71 -6.57 4.66
N THR B 248 19.27 -6.26 5.88
CA THR B 248 19.07 -7.30 6.89
C THR B 248 17.69 -7.23 7.51
N LEU B 249 17.33 -8.27 8.27
CA LEU B 249 16.16 -8.23 9.14
C LEU B 249 16.54 -7.48 10.43
N ASP B 250 15.54 -7.06 11.19
CA ASP B 250 15.80 -6.23 12.37
C ASP B 250 16.40 -6.95 13.58
N GLU B 251 16.28 -8.27 13.60
CA GLU B 251 16.85 -9.09 14.68
C GLU B 251 18.38 -8.97 14.75
N VAL B 252 19.00 -8.86 13.57
CA VAL B 252 20.46 -8.93 13.43
C VAL B 252 21.09 -7.60 12.96
N ALA B 253 20.25 -6.58 12.80
CA ALA B 253 20.68 -5.26 12.31
C ALA B 253 21.66 -4.57 13.26
N GLU B 254 21.35 -4.59 14.55
CA GLU B 254 22.21 -3.99 15.57
C GLU B 254 23.54 -4.74 15.73
N GLU B 255 23.46 -6.07 15.64
CA GLU B 255 24.65 -6.92 15.73
C GLU B 255 25.62 -6.67 14.56
N LEU B 256 25.09 -6.65 13.34
CA LEU B 256 25.89 -6.44 12.13
C LEU B 256 26.49 -5.03 12.01
N ARG B 257 25.76 -4.03 12.48
CA ARG B 257 26.29 -2.65 12.50
C ARG B 257 27.53 -2.52 13.37
N THR B 258 27.52 -3.17 14.53
CA THR B 258 28.64 -3.09 15.46
C THR B 258 29.74 -4.11 15.15
N GLU B 259 29.44 -5.03 14.24
CA GLU B 259 30.44 -5.94 13.71
C GLU B 259 31.09 -5.35 12.46
N LEU B 260 30.32 -4.56 11.72
CA LEU B 260 30.82 -3.85 10.54
C LEU B 260 30.60 -2.32 10.62
N PRO B 261 31.43 -1.61 11.41
CA PRO B 261 31.30 -0.16 11.49
C PRO B 261 31.47 0.51 10.12
N GLY B 262 30.79 1.63 9.92
CA GLY B 262 30.95 2.42 8.71
C GLY B 262 30.35 1.81 7.46
N VAL B 263 29.43 0.88 7.64
CA VAL B 263 28.75 0.24 6.54
C VAL B 263 27.24 0.45 6.70
N ARG B 264 26.57 0.77 5.61
CA ARG B 264 25.13 0.84 5.57
C ARG B 264 24.56 -0.57 5.70
N ALA B 265 24.01 -0.85 6.87
CA ALA B 265 23.46 -2.16 7.17
C ALA B 265 22.17 -2.02 7.94
N GLY B 266 21.16 -2.76 7.52
CA GLY B 266 19.92 -2.83 8.27
C GLY B 266 18.70 -2.89 7.38
N TRP B 267 17.66 -2.19 7.79
CA TRP B 267 16.44 -2.12 7.01
C TRP B 267 16.72 -1.40 5.70
N VAL B 268 16.39 -2.06 4.59
CA VAL B 268 16.57 -1.49 3.26
C VAL B 268 15.30 -1.70 2.46
N PRO B 269 14.64 -0.60 2.00
CA PRO B 269 13.51 -0.75 1.07
C PRO B 269 14.02 -1.03 -0.36
N LEU B 270 13.80 -2.25 -0.86
CA LEU B 270 14.40 -2.66 -2.12
C LEU B 270 13.93 -1.78 -3.27
N ASP B 271 12.64 -1.45 -3.26
CA ASP B 271 12.06 -0.66 -4.34
C ASP B 271 12.74 0.69 -4.51
N VAL B 272 13.11 1.32 -3.39
CA VAL B 272 13.76 2.62 -3.41
C VAL B 272 15.27 2.48 -3.72
N VAL B 273 15.92 1.52 -3.06
CA VAL B 273 17.38 1.40 -3.11
C VAL B 273 17.95 0.73 -4.37
N VAL B 274 17.30 -0.33 -4.85
CA VAL B 274 17.79 -1.08 -6.02
C VAL B 274 18.10 -0.18 -7.24
N PRO B 275 17.20 0.75 -7.61
CA PRO B 275 17.53 1.65 -8.74
C PRO B 275 18.83 2.45 -8.61
N THR B 276 19.33 2.63 -7.38
CA THR B 276 20.59 3.34 -7.16
C THR B 276 21.82 2.43 -7.25
N CYS B 277 21.60 1.12 -7.36
CA CYS B 277 22.69 0.13 -7.31
C CYS B 277 23.26 -0.23 -8.68
N ASP B 278 24.51 -0.66 -8.69
CA ASP B 278 25.14 -1.19 -9.89
C ASP B 278 25.06 -2.70 -9.94
N VAL B 279 24.99 -3.32 -8.75
CA VAL B 279 24.87 -4.77 -8.61
C VAL B 279 23.90 -5.10 -7.45
N VAL B 280 23.05 -6.11 -7.65
CA VAL B 280 22.30 -6.70 -6.55
C VAL B 280 22.78 -8.13 -6.35
N VAL B 281 23.26 -8.41 -5.15
CA VAL B 281 23.78 -9.73 -4.76
C VAL B 281 22.72 -10.46 -3.92
N HIS B 282 22.23 -11.59 -4.43
CA HIS B 282 21.16 -12.33 -3.75
C HIS B 282 21.16 -13.82 -4.10
N HIS B 283 20.21 -14.57 -3.55
CA HIS B 283 20.12 -16.02 -3.79
C HIS B 283 18.95 -16.43 -4.71
N ALA B 284 18.33 -15.45 -5.37
CA ALA B 284 17.24 -15.66 -6.33
C ALA B 284 15.91 -16.19 -5.76
N GLY B 285 15.75 -16.14 -4.46
CA GLY B 285 14.41 -16.33 -3.88
C GLY B 285 13.58 -15.07 -4.06
N GLY B 286 12.27 -15.24 -4.13
CA GLY B 286 11.34 -14.14 -3.99
C GLY B 286 11.25 -13.19 -5.16
N VAL B 287 11.18 -11.90 -4.86
CA VAL B 287 10.92 -10.91 -5.90
C VAL B 287 12.11 -9.99 -6.17
N THR B 288 13.28 -10.36 -5.64
CA THR B 288 14.45 -9.49 -5.74
C THR B 288 14.98 -9.42 -7.18
N ALA B 289 15.01 -10.57 -7.85
CA ALA B 289 15.41 -10.63 -9.25
C ALA B 289 14.54 -9.72 -10.12
N LEU B 290 13.23 -9.73 -9.86
CA LEU B 290 12.32 -8.86 -10.61
C LEU B 290 12.60 -7.39 -10.33
N THR B 291 12.91 -7.06 -9.07
CA THR B 291 13.19 -5.67 -8.70
C THR B 291 14.46 -5.17 -9.39
N ALA B 292 15.50 -6.00 -9.40
CA ALA B 292 16.74 -5.68 -10.11
C ALA B 292 16.50 -5.51 -11.62
N MET B 293 15.81 -6.47 -12.23
CA MET B 293 15.55 -6.44 -13.67
C MET B 293 14.69 -5.23 -14.04
N ASN B 294 13.64 -4.99 -13.27
CA ASN B 294 12.80 -3.81 -13.45
C ASN B 294 13.59 -2.50 -13.50
N ALA B 295 14.62 -2.38 -12.66
CA ALA B 295 15.46 -1.18 -12.63
C ALA B 295 16.64 -1.26 -13.61
N GLY B 296 16.78 -2.39 -14.31
CA GLY B 296 17.91 -2.59 -15.23
C GLY B 296 19.25 -2.77 -14.55
N VAL B 297 19.24 -3.40 -13.37
CA VAL B 297 20.44 -3.59 -12.56
C VAL B 297 20.97 -5.03 -12.72
N PRO B 298 22.26 -5.19 -13.12
CA PRO B 298 22.88 -6.52 -13.18
C PRO B 298 22.83 -7.25 -11.83
N GLN B 299 22.73 -8.57 -11.87
CA GLN B 299 22.61 -9.36 -10.64
C GLN B 299 23.75 -10.33 -10.45
N LEU B 300 24.12 -10.55 -9.20
CA LEU B 300 25.05 -11.61 -8.84
C LEU B 300 24.24 -12.60 -8.03
N ILE B 301 24.14 -13.82 -8.54
CA ILE B 301 23.31 -14.84 -7.89
C ILE B 301 24.16 -15.92 -7.23
N VAL B 302 23.89 -16.14 -5.94
CA VAL B 302 24.60 -17.14 -5.16
C VAL B 302 23.70 -18.35 -4.85
N PRO B 303 24.31 -19.54 -4.77
CA PRO B 303 23.60 -20.74 -4.36
C PRO B 303 23.67 -20.99 -2.86
N GLN B 304 22.61 -21.60 -2.34
CA GLN B 304 22.56 -22.06 -0.96
C GLN B 304 23.15 -23.47 -0.92
N GLY B 305 24.48 -23.54 -0.83
CA GLY B 305 25.20 -24.81 -0.86
C GLY B 305 25.51 -25.27 -2.27
N GLY B 306 24.45 -25.58 -3.02
CA GLY B 306 24.55 -26.03 -4.40
C GLY B 306 23.17 -26.32 -4.94
N ASN B 307 22.20 -25.52 -4.47
CA ASN B 307 20.81 -25.65 -4.85
C ASN B 307 20.42 -24.44 -5.70
N PHE B 308 20.97 -24.40 -6.92
CA PHE B 308 20.73 -23.30 -7.87
C PHE B 308 19.25 -23.14 -8.19
N VAL B 309 18.75 -21.92 -8.08
CA VAL B 309 17.38 -21.62 -8.44
C VAL B 309 17.36 -21.49 -9.97
N GLU B 310 16.47 -22.26 -10.61
CA GLU B 310 16.39 -22.27 -12.08
C GLU B 310 16.12 -20.87 -12.66
N ALA B 311 15.19 -20.13 -12.05
CA ALA B 311 14.87 -18.78 -12.48
C ALA B 311 16.13 -17.91 -12.61
N GLY B 312 17.03 -18.02 -11.64
CA GLY B 312 18.31 -17.32 -11.66
C GLY B 312 19.23 -17.74 -12.80
N LEU B 313 19.30 -19.04 -13.06
CA LEU B 313 20.12 -19.58 -14.16
C LEU B 313 19.66 -19.05 -15.52
N ARG B 314 18.36 -18.83 -15.66
CA ARG B 314 17.78 -18.28 -16.89
C ARG B 314 18.18 -16.83 -17.11
N ILE B 315 18.23 -16.05 -16.03
CA ILE B 315 18.67 -14.65 -16.08
C ILE B 315 20.16 -14.60 -16.43
N SER B 316 20.95 -15.52 -15.89
CA SER B 316 22.38 -15.60 -16.18
C SER B 316 22.59 -16.04 -17.62
N ASP B 317 21.84 -17.05 -18.04
CA ASP B 317 21.88 -17.50 -19.43
C ASP B 317 21.55 -16.35 -20.39
N PHE B 318 20.60 -15.51 -20.01
CA PHE B 318 20.22 -14.35 -20.81
C PHE B 318 21.33 -13.28 -20.87
N GLY B 319 22.16 -13.22 -19.82
CA GLY B 319 23.31 -12.29 -19.80
C GLY B 319 23.14 -11.09 -18.89
N ALA B 320 22.08 -11.11 -18.08
CA ALA B 320 21.77 -10.00 -17.17
C ALA B 320 22.21 -10.29 -15.73
N ALA B 321 22.90 -11.42 -15.55
CA ALA B 321 23.39 -11.86 -14.25
C ALA B 321 24.52 -12.88 -14.36
N ILE B 322 25.29 -13.03 -13.28
CA ILE B 322 26.27 -14.11 -13.15
C ILE B 322 25.88 -14.95 -11.95
N THR B 323 25.81 -16.27 -12.14
CA THR B 323 25.63 -17.19 -11.02
C THR B 323 26.98 -17.78 -10.65
N VAL B 324 27.51 -17.35 -9.50
CA VAL B 324 28.81 -17.83 -9.02
C VAL B 324 28.69 -18.63 -7.71
N ASP B 325 29.48 -19.70 -7.59
CA ASP B 325 29.45 -20.60 -6.43
C ASP B 325 30.02 -19.95 -5.17
N THR B 328 31.82 -18.68 -2.21
CA THR B 328 33.16 -18.47 -1.66
C THR B 328 33.49 -16.96 -1.57
N PRO B 329 34.30 -16.56 -0.56
CA PRO B 329 34.54 -15.13 -0.31
C PRO B 329 35.18 -14.37 -1.48
N GLU B 330 36.22 -14.96 -2.09
CA GLU B 330 36.99 -14.30 -3.16
C GLU B 330 36.23 -14.18 -4.49
N ALA B 331 35.43 -15.21 -4.82
CA ALA B 331 34.71 -15.27 -6.11
C ALA B 331 33.50 -14.33 -6.25
N VAL B 332 32.99 -13.82 -5.14
CA VAL B 332 31.92 -12.81 -5.18
C VAL B 332 32.54 -11.49 -5.63
N GLU B 333 33.73 -11.19 -5.12
CA GLU B 333 34.50 -10.01 -5.52
C GLU B 333 34.75 -9.99 -7.03
N LYS B 334 35.09 -11.17 -7.57
CA LYS B 334 35.42 -11.35 -8.98
C LYS B 334 34.21 -11.09 -9.89
N ALA B 335 33.09 -11.77 -9.60
CA ALA B 335 31.85 -11.57 -10.34
C ALA B 335 31.37 -10.11 -10.26
N CYS B 336 31.55 -9.48 -9.11
CA CYS B 336 31.20 -8.07 -8.91
C CYS B 336 31.96 -7.12 -9.85
N GLY B 337 33.27 -7.29 -9.93
CA GLY B 337 34.12 -6.50 -10.84
C GLY B 337 33.67 -6.64 -12.28
N GLU B 338 33.30 -7.87 -12.64
CA GLU B 338 32.82 -8.20 -13.97
C GLU B 338 31.48 -7.53 -14.31
N LEU B 339 30.52 -7.60 -13.38
CA LEU B 339 29.18 -7.03 -13.60
C LEU B 339 29.20 -5.51 -13.66
N ILE B 340 30.19 -4.91 -13.04
CA ILE B 340 30.40 -3.46 -13.08
C ILE B 340 31.24 -3.07 -14.31
N GLY B 341 32.29 -3.85 -14.58
CA GLY B 341 33.26 -3.54 -15.63
C GLY B 341 32.80 -3.80 -17.05
N ASN B 342 32.14 -4.94 -17.27
CA ASN B 342 31.64 -5.35 -18.59
C ASN B 342 30.21 -4.81 -18.82
N PRO B 343 30.05 -3.82 -19.73
CA PRO B 343 28.77 -3.10 -19.91
C PRO B 343 27.62 -3.96 -20.44
N SER B 344 27.96 -5.15 -20.93
CA SER B 344 27.00 -6.14 -21.44
C SER B 344 25.90 -6.48 -20.43
N TYR B 345 26.30 -6.70 -19.18
CA TYR B 345 25.38 -7.17 -18.16
C TYR B 345 24.27 -6.18 -17.87
N ALA B 346 24.60 -4.89 -17.81
CA ALA B 346 23.61 -3.83 -17.63
C ALA B 346 22.75 -3.65 -18.88
N GLU B 347 23.35 -3.80 -20.06
CA GLU B 347 22.62 -3.80 -21.32
C GLU B 347 21.53 -4.88 -21.37
N ARG B 348 21.84 -6.10 -20.93
CA ARG B 348 20.86 -7.19 -20.91
C ARG B 348 19.77 -6.94 -19.86
N ALA B 349 20.18 -6.39 -18.72
CA ALA B 349 19.24 -6.06 -17.66
C ALA B 349 18.23 -4.99 -18.10
N ARG B 350 18.71 -3.98 -18.83
CA ARG B 350 17.83 -2.93 -19.36
C ARG B 350 16.83 -3.46 -20.41
N GLU B 351 17.25 -4.48 -21.16
CA GLU B 351 16.35 -5.16 -22.09
C GLU B 351 15.21 -5.81 -21.32
N LEU B 352 15.54 -6.43 -20.19
CA LEU B 352 14.54 -7.09 -19.38
C LEU B 352 13.62 -6.07 -18.74
N SER B 353 14.19 -4.94 -18.31
CA SER B 353 13.41 -3.80 -17.80
C SER B 353 12.38 -3.34 -18.81
N ALA B 354 12.83 -3.18 -20.06
CA ALA B 354 11.95 -2.81 -21.18
C ALA B 354 10.82 -3.83 -21.40
N GLU B 355 11.16 -5.12 -21.37
CA GLU B 355 10.14 -6.17 -21.51
C GLU B 355 9.07 -6.06 -20.42
N ILE B 356 9.52 -5.85 -19.18
CA ILE B 356 8.60 -5.67 -18.05
C ILE B 356 7.66 -4.45 -18.24
N ALA B 357 8.22 -3.31 -18.66
CA ALA B 357 7.44 -2.08 -18.84
C ALA B 357 6.36 -2.20 -19.93
N ALA B 358 6.57 -3.13 -20.87
CA ALA B 358 5.62 -3.35 -21.96
C ALA B 358 4.45 -4.26 -21.58
N LEU B 359 4.49 -4.89 -20.40
CA LEU B 359 3.43 -5.82 -20.00
C LEU B 359 2.20 -5.09 -19.45
N PRO B 360 1.01 -5.73 -19.52
CA PRO B 360 -0.22 -5.08 -19.02
C PRO B 360 -0.14 -4.65 -17.56
N LEU B 361 -0.61 -3.43 -17.29
CA LEU B 361 -0.63 -2.89 -15.93
C LEU B 361 -1.58 -3.65 -15.02
N PRO B 362 -1.24 -3.74 -13.72
CA PRO B 362 -2.14 -4.31 -12.74
C PRO B 362 -3.53 -3.73 -12.87
N ALA B 363 -3.65 -2.41 -13.12
CA ALA B 363 -4.96 -1.78 -13.23
C ALA B 363 -5.78 -2.37 -14.40
N GLU B 364 -5.10 -2.80 -15.45
CA GLU B 364 -5.78 -3.44 -16.59
C GLU B 364 -6.13 -4.89 -16.29
N VAL B 365 -5.24 -5.58 -15.58
CA VAL B 365 -5.44 -6.97 -15.21
C VAL B 365 -6.65 -7.13 -14.28
N VAL B 366 -6.99 -6.09 -13.51
CA VAL B 366 -8.22 -6.13 -12.70
C VAL B 366 -9.44 -6.48 -13.57
N GLY B 367 -9.46 -5.95 -14.79
CA GLY B 367 -10.53 -6.23 -15.76
C GLY B 367 -10.63 -7.70 -16.12
N ALA B 368 -9.51 -8.41 -16.15
CA ALA B 368 -9.56 -9.87 -16.34
C ALA B 368 -10.22 -10.61 -15.17
N LEU B 369 -9.97 -10.11 -13.94
CA LEU B 369 -10.56 -10.69 -12.74
C LEU B 369 -12.08 -10.49 -12.77
N GLU B 370 -12.51 -9.26 -13.04
CA GLU B 370 -13.92 -8.91 -13.22
C GLU B 370 -14.61 -9.75 -14.29
N GLY B 371 -13.93 -9.99 -15.40
CA GLY B 371 -14.49 -10.82 -16.49
C GLY B 371 -14.78 -12.26 -16.10
N LEU B 372 -14.07 -12.77 -15.09
CA LEU B 372 -14.22 -14.16 -14.68
C LEU B 372 -15.50 -14.43 -13.90
N VAL B 373 -16.00 -13.39 -13.24
CA VAL B 373 -17.23 -13.48 -12.46
C VAL B 373 -18.46 -13.00 -13.24
N GLU B 374 -18.27 -12.02 -14.12
CA GLU B 374 -19.39 -11.52 -14.93
C GLU B 374 -19.14 -11.71 -16.42
#